data_3IUF
# 
_entry.id   3IUF 
# 
_audit_conform.dict_name       mmcif_pdbx.dic 
_audit_conform.dict_version    5.387 
_audit_conform.dict_location   http://mmcif.pdb.org/dictionaries/ascii/mmcif_pdbx.dic 
# 
loop_
_database_2.database_id 
_database_2.database_code 
_database_2.pdbx_database_accession 
_database_2.pdbx_DOI 
PDB   3IUF         pdb_00003iuf 10.2210/pdb3iuf/pdb 
RCSB  RCSB054877   ?            ?                   
WWPDB D_1000054877 ?            ?                   
# 
loop_
_pdbx_audit_revision_history.ordinal 
_pdbx_audit_revision_history.data_content_type 
_pdbx_audit_revision_history.major_revision 
_pdbx_audit_revision_history.minor_revision 
_pdbx_audit_revision_history.revision_date 
1 'Structure model' 1 0 2009-11-03 
2 'Structure model' 1 1 2011-07-13 
3 'Structure model' 1 2 2012-05-02 
4 'Structure model' 1 3 2017-11-01 
5 'Structure model' 1 4 2024-02-21 
# 
_pdbx_audit_revision_details.ordinal             1 
_pdbx_audit_revision_details.revision_ordinal    1 
_pdbx_audit_revision_details.data_content_type   'Structure model' 
_pdbx_audit_revision_details.provider            repository 
_pdbx_audit_revision_details.type                'Initial release' 
_pdbx_audit_revision_details.description         ? 
_pdbx_audit_revision_details.details             ? 
# 
loop_
_pdbx_audit_revision_group.ordinal 
_pdbx_audit_revision_group.revision_ordinal 
_pdbx_audit_revision_group.data_content_type 
_pdbx_audit_revision_group.group 
1 2 'Structure model' 'Version format compliance' 
2 3 'Structure model' 'Database references'       
3 4 'Structure model' 'Refinement description'    
4 5 'Structure model' 'Data collection'           
5 5 'Structure model' 'Database references'       
6 5 'Structure model' 'Derived calculations'      
# 
loop_
_pdbx_audit_revision_category.ordinal 
_pdbx_audit_revision_category.revision_ordinal 
_pdbx_audit_revision_category.data_content_type 
_pdbx_audit_revision_category.category 
1 4 'Structure model' software           
2 5 'Structure model' chem_comp_atom     
3 5 'Structure model' chem_comp_bond     
4 5 'Structure model' database_2         
5 5 'Structure model' struct_conn        
6 5 'Structure model' struct_ref_seq_dif 
7 5 'Structure model' struct_site        
# 
loop_
_pdbx_audit_revision_item.ordinal 
_pdbx_audit_revision_item.revision_ordinal 
_pdbx_audit_revision_item.data_content_type 
_pdbx_audit_revision_item.item 
1  5 'Structure model' '_database_2.pdbx_DOI'                
2  5 'Structure model' '_database_2.pdbx_database_accession' 
3  5 'Structure model' '_struct_conn.ptnr1_auth_comp_id'     
4  5 'Structure model' '_struct_conn.ptnr1_auth_seq_id'      
5  5 'Structure model' '_struct_conn.ptnr1_label_asym_id'    
6  5 'Structure model' '_struct_conn.ptnr1_label_atom_id'    
7  5 'Structure model' '_struct_conn.ptnr1_label_comp_id'    
8  5 'Structure model' '_struct_conn.ptnr1_label_seq_id'     
9  5 'Structure model' '_struct_conn.ptnr2_auth_comp_id'     
10 5 'Structure model' '_struct_conn.ptnr2_auth_seq_id'      
11 5 'Structure model' '_struct_conn.ptnr2_label_asym_id'    
12 5 'Structure model' '_struct_conn.ptnr2_label_atom_id'    
13 5 'Structure model' '_struct_conn.ptnr2_label_comp_id'    
14 5 'Structure model' '_struct_conn.ptnr2_label_seq_id'     
15 5 'Structure model' '_struct_ref_seq_dif.details'         
16 5 'Structure model' '_struct_site.pdbx_auth_asym_id'      
17 5 'Structure model' '_struct_site.pdbx_auth_comp_id'      
18 5 'Structure model' '_struct_site.pdbx_auth_seq_id'       
# 
_pdbx_database_status.entry_id                        3IUF 
_pdbx_database_status.deposit_site                    RCSB 
_pdbx_database_status.process_site                    RCSB 
_pdbx_database_status.recvd_initial_deposition_date   2009-08-31 
_pdbx_database_status.status_code                     REL 
_pdbx_database_status.status_code_sf                  REL 
_pdbx_database_status.status_code_mr                  ? 
_pdbx_database_status.SG_entry                        Y 
_pdbx_database_status.status_code_cs                  ? 
_pdbx_database_status.methods_development_category    ? 
_pdbx_database_status.pdb_format_compatible           Y 
_pdbx_database_status.status_code_nmr_data            ? 
# 
loop_
_audit_author.name 
_audit_author.pdbx_ordinal 
'Tempel, W.'                           1  
'Xu, C.'                               2  
'Bian, C.'                             3  
'Adams-Cioaba, M.'                     4  
'Eryilmaz, J.'                         5  
'Bountra, C.'                          6  
'Weigelt, J.'                          7  
'Arrowsmith, C.H.'                     8  
'Edwards, A.M.'                        9  
'Bochkarev, A.'                        10 
'Min, J.'                              11 
'Structural Genomics Consortium (SGC)' 12 
# 
_citation.id                        primary 
_citation.title                     'Crystal structure of the Cys2His2-type zinc finger domain of human DPF2.' 
_citation.journal_abbrev            Biochem.Biophys.Res.Commun. 
_citation.journal_volume            413 
_citation.page_first                58 
_citation.page_last                 61 
_citation.year                      2011 
_citation.journal_id_ASTM           BBRCA9 
_citation.country                   US 
_citation.journal_id_ISSN           0006-291X 
_citation.journal_id_CSD            0146 
_citation.book_publisher            ? 
_citation.pdbx_database_id_PubMed   21888896 
_citation.pdbx_database_id_DOI      10.1016/j.bbrc.2011.08.043 
# 
loop_
_citation_author.citation_id 
_citation_author.name 
_citation_author.ordinal 
_citation_author.identifier_ORCID 
primary 'Zhang, W.'     1 ? 
primary 'Xu, C.'        2 ? 
primary 'Bian, C.'      3 ? 
primary 'Tempel, W.'    4 ? 
primary 'Crombet, L.'   5 ? 
primary 'MacKenzie, F.' 6 ? 
primary 'Min, J.'       7 ? 
primary 'Liu, Z.'       8 ? 
primary 'Qi, C.'        9 ? 
# 
loop_
_entity.id 
_entity.type 
_entity.src_method 
_entity.pdbx_description 
_entity.formula_weight 
_entity.pdbx_number_of_molecules 
_entity.pdbx_ec 
_entity.pdbx_mutation 
_entity.pdbx_fragment 
_entity.details 
1 polymer     man 'Zinc finger protein ubi-d4' 5500.914 1  ? ? 'UNP residues 203-251' ? 
2 non-polymer syn 'ZINC ION'                   65.409   1  ? ? ?                      ? 
3 water       nat water                        18.015   18 ? ? ?                      ? 
# 
_entity_name_com.entity_id   1 
_entity_name_com.name        'Requiem, Apoptosis response zinc finger protein, D4, zinc and double PHD fingers family 2' 
# 
_entity_poly.entity_id                      1 
_entity_poly.type                           'polypeptide(L)' 
_entity_poly.nstd_linkage                   no 
_entity_poly.nstd_monomer                   no 
_entity_poly.pdbx_seq_one_letter_code       GEDRDKPYACDICGKRYKNRPGLSYHYAHSHLAEEEGEDKEDSQPPTP 
_entity_poly.pdbx_seq_one_letter_code_can   GEDRDKPYACDICGKRYKNRPGLSYHYAHSHLAEEEGEDKEDSQPPTP 
_entity_poly.pdbx_strand_id                 A 
_entity_poly.pdbx_target_identifier         ? 
# 
loop_
_pdbx_entity_nonpoly.entity_id 
_pdbx_entity_nonpoly.name 
_pdbx_entity_nonpoly.comp_id 
2 'ZINC ION' ZN  
3 water      HOH 
# 
loop_
_entity_poly_seq.entity_id 
_entity_poly_seq.num 
_entity_poly_seq.mon_id 
_entity_poly_seq.hetero 
1 1  GLY n 
1 2  GLU n 
1 3  ASP n 
1 4  ARG n 
1 5  ASP n 
1 6  LYS n 
1 7  PRO n 
1 8  TYR n 
1 9  ALA n 
1 10 CYS n 
1 11 ASP n 
1 12 ILE n 
1 13 CYS n 
1 14 GLY n 
1 15 LYS n 
1 16 ARG n 
1 17 TYR n 
1 18 LYS n 
1 19 ASN n 
1 20 ARG n 
1 21 PRO n 
1 22 GLY n 
1 23 LEU n 
1 24 SER n 
1 25 TYR n 
1 26 HIS n 
1 27 TYR n 
1 28 ALA n 
1 29 HIS n 
1 30 SER n 
1 31 HIS n 
1 32 LEU n 
1 33 ALA n 
1 34 GLU n 
1 35 GLU n 
1 36 GLU n 
1 37 GLY n 
1 38 GLU n 
1 39 ASP n 
1 40 LYS n 
1 41 GLU n 
1 42 ASP n 
1 43 SER n 
1 44 GLN n 
1 45 PRO n 
1 46 PRO n 
1 47 THR n 
1 48 PRO n 
# 
_entity_src_gen.entity_id                          1 
_entity_src_gen.pdbx_src_id                        1 
_entity_src_gen.pdbx_alt_source_flag               sample 
_entity_src_gen.pdbx_seq_type                      ? 
_entity_src_gen.pdbx_beg_seq_num                   ? 
_entity_src_gen.pdbx_end_seq_num                   ? 
_entity_src_gen.gene_src_common_name               human 
_entity_src_gen.gene_src_genus                     ? 
_entity_src_gen.pdbx_gene_src_gene                 'DPF2, REQ, UBID4' 
_entity_src_gen.gene_src_species                   ? 
_entity_src_gen.gene_src_strain                    ? 
_entity_src_gen.gene_src_tissue                    ? 
_entity_src_gen.gene_src_tissue_fraction           ? 
_entity_src_gen.gene_src_details                   ? 
_entity_src_gen.pdbx_gene_src_fragment             ? 
_entity_src_gen.pdbx_gene_src_scientific_name      'Homo sapiens' 
_entity_src_gen.pdbx_gene_src_ncbi_taxonomy_id     9606 
_entity_src_gen.pdbx_gene_src_variant              ? 
_entity_src_gen.pdbx_gene_src_cell_line            ? 
_entity_src_gen.pdbx_gene_src_atcc                 ? 
_entity_src_gen.pdbx_gene_src_organ                ? 
_entity_src_gen.pdbx_gene_src_organelle            ? 
_entity_src_gen.pdbx_gene_src_cell                 ? 
_entity_src_gen.pdbx_gene_src_cellular_location    ? 
_entity_src_gen.host_org_common_name               ? 
_entity_src_gen.pdbx_host_org_scientific_name      'Escherichia coli' 
_entity_src_gen.pdbx_host_org_ncbi_taxonomy_id     562 
_entity_src_gen.host_org_genus                     ? 
_entity_src_gen.pdbx_host_org_gene                 ? 
_entity_src_gen.pdbx_host_org_organ                ? 
_entity_src_gen.host_org_species                   ? 
_entity_src_gen.pdbx_host_org_tissue               ? 
_entity_src_gen.pdbx_host_org_tissue_fraction      ? 
_entity_src_gen.pdbx_host_org_strain               DE3 
_entity_src_gen.pdbx_host_org_variant              ? 
_entity_src_gen.pdbx_host_org_cell_line            ? 
_entity_src_gen.pdbx_host_org_atcc                 ? 
_entity_src_gen.pdbx_host_org_culture_collection   ? 
_entity_src_gen.pdbx_host_org_cell                 ? 
_entity_src_gen.pdbx_host_org_organelle            ? 
_entity_src_gen.pdbx_host_org_cellular_location    ? 
_entity_src_gen.pdbx_host_org_vector_type          ? 
_entity_src_gen.pdbx_host_org_vector               ? 
_entity_src_gen.host_org_details                   ? 
_entity_src_gen.expression_system_id               ? 
_entity_src_gen.plasmid_name                       pET28-MHL 
_entity_src_gen.plasmid_details                    ? 
_entity_src_gen.pdbx_description                   ? 
# 
loop_
_chem_comp.id 
_chem_comp.type 
_chem_comp.mon_nstd_flag 
_chem_comp.name 
_chem_comp.pdbx_synonyms 
_chem_comp.formula 
_chem_comp.formula_weight 
ALA 'L-peptide linking' y ALANINE         ? 'C3 H7 N O2'     89.093  
ARG 'L-peptide linking' y ARGININE        ? 'C6 H15 N4 O2 1' 175.209 
ASN 'L-peptide linking' y ASPARAGINE      ? 'C4 H8 N2 O3'    132.118 
ASP 'L-peptide linking' y 'ASPARTIC ACID' ? 'C4 H7 N O4'     133.103 
CYS 'L-peptide linking' y CYSTEINE        ? 'C3 H7 N O2 S'   121.158 
GLN 'L-peptide linking' y GLUTAMINE       ? 'C5 H10 N2 O3'   146.144 
GLU 'L-peptide linking' y 'GLUTAMIC ACID' ? 'C5 H9 N O4'     147.129 
GLY 'peptide linking'   y GLYCINE         ? 'C2 H5 N O2'     75.067  
HIS 'L-peptide linking' y HISTIDINE       ? 'C6 H10 N3 O2 1' 156.162 
HOH non-polymer         . WATER           ? 'H2 O'           18.015  
ILE 'L-peptide linking' y ISOLEUCINE      ? 'C6 H13 N O2'    131.173 
LEU 'L-peptide linking' y LEUCINE         ? 'C6 H13 N O2'    131.173 
LYS 'L-peptide linking' y LYSINE          ? 'C6 H15 N2 O2 1' 147.195 
PRO 'L-peptide linking' y PROLINE         ? 'C5 H9 N O2'     115.130 
SER 'L-peptide linking' y SERINE          ? 'C3 H7 N O3'     105.093 
THR 'L-peptide linking' y THREONINE       ? 'C4 H9 N O3'     119.119 
TYR 'L-peptide linking' y TYROSINE        ? 'C9 H11 N O3'    181.189 
ZN  non-polymer         . 'ZINC ION'      ? 'Zn 2'           65.409  
# 
loop_
_pdbx_poly_seq_scheme.asym_id 
_pdbx_poly_seq_scheme.entity_id 
_pdbx_poly_seq_scheme.seq_id 
_pdbx_poly_seq_scheme.mon_id 
_pdbx_poly_seq_scheme.ndb_seq_num 
_pdbx_poly_seq_scheme.pdb_seq_num 
_pdbx_poly_seq_scheme.auth_seq_num 
_pdbx_poly_seq_scheme.pdb_mon_id 
_pdbx_poly_seq_scheme.auth_mon_id 
_pdbx_poly_seq_scheme.pdb_strand_id 
_pdbx_poly_seq_scheme.pdb_ins_code 
_pdbx_poly_seq_scheme.hetero 
A 1 1  GLY 1  202 ?   ?   ?   A . n 
A 1 2  GLU 2  203 203 GLU GLU A . n 
A 1 3  ASP 3  204 204 ASP ASP A . n 
A 1 4  ARG 4  205 205 ARG ARG A . n 
A 1 5  ASP 5  206 206 ASP ASP A . n 
A 1 6  LYS 6  207 207 LYS LYS A . n 
A 1 7  PRO 7  208 208 PRO PRO A . n 
A 1 8  TYR 8  209 209 TYR TYR A . n 
A 1 9  ALA 9  210 210 ALA ALA A . n 
A 1 10 CYS 10 211 211 CYS CYS A . n 
A 1 11 ASP 11 212 212 ASP ASP A . n 
A 1 12 ILE 12 213 213 ILE ILE A . n 
A 1 13 CYS 13 214 214 CYS CYS A . n 
A 1 14 GLY 14 215 215 GLY GLY A . n 
A 1 15 LYS 15 216 216 LYS LYS A . n 
A 1 16 ARG 16 217 217 ARG ARG A . n 
A 1 17 TYR 17 218 218 TYR TYR A . n 
A 1 18 LYS 18 219 219 LYS LYS A . n 
A 1 19 ASN 19 220 220 ASN ASN A . n 
A 1 20 ARG 20 221 221 ARG ARG A . n 
A 1 21 PRO 21 222 222 PRO PRO A . n 
A 1 22 GLY 22 223 223 GLY GLY A . n 
A 1 23 LEU 23 224 224 LEU LEU A . n 
A 1 24 SER 24 225 225 SER SER A . n 
A 1 25 TYR 25 226 226 TYR TYR A . n 
A 1 26 HIS 26 227 227 HIS HIS A . n 
A 1 27 TYR 27 228 228 TYR TYR A . n 
A 1 28 ALA 28 229 229 ALA ALA A . n 
A 1 29 HIS 29 230 230 HIS HIS A . n 
A 1 30 SER 30 231 231 SER SER A . n 
A 1 31 HIS 31 232 232 HIS HIS A . n 
A 1 32 LEU 32 233 233 LEU LEU A . n 
A 1 33 ALA 33 234 234 ALA ALA A . n 
A 1 34 GLU 34 235 ?   ?   ?   A . n 
A 1 35 GLU 35 236 ?   ?   ?   A . n 
A 1 36 GLU 36 237 ?   ?   ?   A . n 
A 1 37 GLY 37 238 ?   ?   ?   A . n 
A 1 38 GLU 38 239 ?   ?   ?   A . n 
A 1 39 ASP 39 240 ?   ?   ?   A . n 
A 1 40 LYS 40 241 ?   ?   ?   A . n 
A 1 41 GLU 41 242 ?   ?   ?   A . n 
A 1 42 ASP 42 243 ?   ?   ?   A . n 
A 1 43 SER 43 244 ?   ?   ?   A . n 
A 1 44 GLN 44 245 ?   ?   ?   A . n 
A 1 45 PRO 45 246 ?   ?   ?   A . n 
A 1 46 PRO 46 247 ?   ?   ?   A . n 
A 1 47 THR 47 248 ?   ?   ?   A . n 
A 1 48 PRO 48 249 ?   ?   ?   A . n 
# 
loop_
_pdbx_nonpoly_scheme.asym_id 
_pdbx_nonpoly_scheme.entity_id 
_pdbx_nonpoly_scheme.mon_id 
_pdbx_nonpoly_scheme.ndb_seq_num 
_pdbx_nonpoly_scheme.pdb_seq_num 
_pdbx_nonpoly_scheme.auth_seq_num 
_pdbx_nonpoly_scheme.pdb_mon_id 
_pdbx_nonpoly_scheme.auth_mon_id 
_pdbx_nonpoly_scheme.pdb_strand_id 
_pdbx_nonpoly_scheme.pdb_ins_code 
B 2 ZN  1  1   1  ZN  ZN  A . 
C 3 HOH 1  2   2  HOH HOH A . 
C 3 HOH 2  3   3  HOH HOH A . 
C 3 HOH 3  4   4  HOH HOH A . 
C 3 HOH 4  5   5  HOH HOH A . 
C 3 HOH 5  6   6  HOH HOH A . 
C 3 HOH 6  7   7  HOH HOH A . 
C 3 HOH 7  8   8  HOH HOH A . 
C 3 HOH 8  9   9  HOH HOH A . 
C 3 HOH 9  10  10 HOH HOH A . 
C 3 HOH 10 11  11 HOH HOH A . 
C 3 HOH 11 12  12 HOH HOH A . 
C 3 HOH 12 13  13 HOH HOH A . 
C 3 HOH 13 14  14 HOH HOH A . 
C 3 HOH 14 15  15 HOH HOH A . 
C 3 HOH 15 16  16 HOH HOH A . 
C 3 HOH 16 17  17 HOH HOH A . 
C 3 HOH 17 18  18 HOH HOH A . 
C 3 HOH 18 250 1  HOH HOH A . 
# 
loop_
_pdbx_unobs_or_zero_occ_atoms.id 
_pdbx_unobs_or_zero_occ_atoms.PDB_model_num 
_pdbx_unobs_or_zero_occ_atoms.polymer_flag 
_pdbx_unobs_or_zero_occ_atoms.occupancy_flag 
_pdbx_unobs_or_zero_occ_atoms.auth_asym_id 
_pdbx_unobs_or_zero_occ_atoms.auth_comp_id 
_pdbx_unobs_or_zero_occ_atoms.auth_seq_id 
_pdbx_unobs_or_zero_occ_atoms.PDB_ins_code 
_pdbx_unobs_or_zero_occ_atoms.auth_atom_id 
_pdbx_unobs_or_zero_occ_atoms.label_alt_id 
_pdbx_unobs_or_zero_occ_atoms.label_asym_id 
_pdbx_unobs_or_zero_occ_atoms.label_comp_id 
_pdbx_unobs_or_zero_occ_atoms.label_seq_id 
_pdbx_unobs_or_zero_occ_atoms.label_atom_id 
1 1 Y 1 A ASP 204 ? CG  ? A ASP 3  CG  
2 1 Y 1 A ASP 204 ? OD1 ? A ASP 3  OD1 
3 1 Y 1 A ASP 204 ? OD2 ? A ASP 3  OD2 
4 1 Y 1 A LYS 219 ? CD  ? A LYS 18 CD  
5 1 Y 1 A LYS 219 ? CE  ? A LYS 18 CE  
6 1 Y 1 A LYS 219 ? NZ  ? A LYS 18 NZ  
# 
loop_
_software.name 
_software.version 
_software.date 
_software.type 
_software.contact_author 
_software.contact_author_email 
_software.classification 
_software.location 
_software.language 
_software.citation_id 
_software.pdbx_ordinal 
DENZO       .        ?                    package 'Zbyszek Otwinowski' zbyszek@mix.swmed.edu        'data reduction'  
http://www.lnls.br/infra/linhasluz/denzo-hkl.htm ?          ? 1 
SCALEPACK   .        ?                    package 'Zbyszek Otwinowski' zbyszek@mix.swmed.edu        'data scaling'    
http://www.lnls.br/infra/linhasluz/denzo-hkl.htm ?          ? 2 
SHELX       .        ?                    package 'George Sheldrick'   gsheldr@shelx.uni-ac.gwdg.de phasing           
http://shelx.uni-ac.gwdg.de/SHELX/               Fortran_77 ? 3 
REFMAC      5.5.0102 ?                    program 'Murshudov, G.N.'    ccp4@dl.ac.uk                refinement        
http://www.ccp4.ac.uk/main.html                  Fortran_77 ? 4 
PDB_EXTRACT 3.005    'September 10, 2007' package PDB                  sw-help@rcsb.rutgers.edu     'data extraction' 
http://pdb.rutgers.edu/software/                 C++        ? 5 
HKL-3000    .        ?                    ?       ?                    ?                            'data reduction'  ? ?          
? 6 
HKL-3000    .        ?                    ?       ?                    ?                            'data scaling'    ? ?          
? 7 
# 
_cell.entry_id           3IUF 
_cell.length_a           24.714 
_cell.length_b           57.657 
_cell.length_c           22.585 
_cell.angle_alpha        90.00 
_cell.angle_beta         90.00 
_cell.angle_gamma        90.00 
_cell.Z_PDB              4 
_cell.pdbx_unique_axis   ? 
_cell.length_a_esd       ? 
_cell.length_b_esd       ? 
_cell.length_c_esd       ? 
_cell.angle_alpha_esd    ? 
_cell.angle_beta_esd     ? 
_cell.angle_gamma_esd    ? 
# 
_symmetry.entry_id                         3IUF 
_symmetry.space_group_name_H-M             'P 21 21 2' 
_symmetry.pdbx_full_space_group_name_H-M   ? 
_symmetry.cell_setting                     ? 
_symmetry.Int_Tables_number                18 
_symmetry.space_group_name_Hall            ? 
# 
_exptl.entry_id          3IUF 
_exptl.method            'X-RAY DIFFRACTION' 
_exptl.crystals_number   1 
# 
_exptl_crystal.id                    1 
_exptl_crystal.density_meas          ? 
_exptl_crystal.density_Matthews      1.45 
_exptl_crystal.density_percent_sol   15.03 
_exptl_crystal.description           ? 
_exptl_crystal.F_000                 ? 
_exptl_crystal.preparation           ? 
# 
_exptl_crystal_grow.crystal_id      1 
_exptl_crystal_grow.method          'VAPOR DIFFUSION' 
_exptl_crystal_grow.temp            291 
_exptl_crystal_grow.temp_details    ? 
_exptl_crystal_grow.pH              9.5 
_exptl_crystal_grow.pdbx_pH_range   ? 
_exptl_crystal_grow.pdbx_details    
'30% PEG 3000, 0.1M CHES, protein concentration 5mg/mL., pH 9.5, vapor diffusion, temperature 291K' 
# 
loop_
_diffrn.id 
_diffrn.ambient_temp 
_diffrn.ambient_temp_details 
_diffrn.crystal_id 
1 100 ? 1 
2 100 ? 1 
# 
loop_
_diffrn_detector.diffrn_id 
_diffrn_detector.detector 
_diffrn_detector.type 
_diffrn_detector.pdbx_collection_date 
_diffrn_detector.details 
1 CCD 'ADSC QUANTUM 315' 2009-08-06 ? 
2 CCD 'ADSC QUANTUM 315' 2009-08-06 ? 
# 
loop_
_diffrn_radiation.diffrn_id 
_diffrn_radiation.wavelength_id 
_diffrn_radiation.pdbx_monochromatic_or_laue_m_l 
_diffrn_radiation.monochromator 
_diffrn_radiation.pdbx_diffrn_protocol 
_diffrn_radiation.pdbx_scattering_type 
1 1 M ? 'SINGLE WAVELENGTH' x-ray 
2 1 M ? 'SINGLE WAVELENGTH' x-ray 
# 
loop_
_diffrn_radiation_wavelength.id 
_diffrn_radiation_wavelength.wavelength 
_diffrn_radiation_wavelength.wt 
1 1.26514 1.0 
2 1.28335 1.0 
# 
loop_
_diffrn_source.diffrn_id 
_diffrn_source.source 
_diffrn_source.type 
_diffrn_source.pdbx_synchrotron_site 
_diffrn_source.pdbx_synchrotron_beamline 
_diffrn_source.pdbx_wavelength 
_diffrn_source.pdbx_wavelength_list 
1 SYNCHROTRON 'APS BEAMLINE 19-ID' APS 19-ID ? 1.26514 
2 SYNCHROTRON 'APS BEAMLINE 19-ID' APS 19-ID ? 1.28335 
# 
_reflns.entry_id                     3IUF 
_reflns.observed_criterion_sigma_I   ? 
_reflns.observed_criterion_sigma_F   ? 
_reflns.d_resolution_low             40.000 
_reflns.d_resolution_high            1.800 
_reflns.number_obs                   3263 
_reflns.number_all                   ? 
_reflns.percent_possible_obs         99.900 
_reflns.pdbx_Rmerge_I_obs            0.118 
_reflns.pdbx_Rsym_value              ? 
_reflns.pdbx_netI_over_sigmaI        7.700 
_reflns.B_iso_Wilson_estimate        ? 
_reflns.pdbx_redundancy              8.200 
_reflns.R_free_details               ? 
_reflns.limit_h_max                  ? 
_reflns.limit_h_min                  ? 
_reflns.limit_k_max                  ? 
_reflns.limit_k_min                  ? 
_reflns.limit_l_max                  ? 
_reflns.limit_l_min                  ? 
_reflns.observed_criterion_F_max     ? 
_reflns.observed_criterion_F_min     ? 
_reflns.pdbx_chi_squared             ? 
_reflns.pdbx_scaling_rejects         ? 
_reflns.pdbx_ordinal                 1 
_reflns.pdbx_diffrn_id               1,2 
# 
loop_
_reflns_shell.d_res_high 
_reflns_shell.d_res_low 
_reflns_shell.percent_possible_all 
_reflns_shell.Rmerge_I_obs 
_reflns_shell.pdbx_Rsym_value 
_reflns_shell.meanI_over_sigI_obs 
_reflns_shell.pdbx_redundancy 
_reflns_shell.percent_possible_obs 
_reflns_shell.number_unique_all 
_reflns_shell.number_measured_all 
_reflns_shell.number_measured_obs 
_reflns_shell.number_unique_obs 
_reflns_shell.pdbx_chi_squared 
_reflns_shell.pdbx_ordinal 
_reflns_shell.pdbx_diffrn_id 
1.80 1.83  98.70  0.522 ? ? 6.00 ? ? ? ? ? ? 1  1,2 
1.83 1.86  99.40  0.478 ? ? 6.60 ? ? ? ? ? ? 2  1,2 
1.86 1.90  100.00 0.461 ? ? 6.90 ? ? ? ? ? ? 3  1,2 
1.90 1.94  100.00 0.495 ? ? 7.40 ? ? ? ? ? ? 4  1,2 
1.94 1.98  100.00 0.391 ? ? 7.80 ? ? ? ? ? ? 5  1,2 
1.98 2.03  100.00 0.370 ? ? 8.60 ? ? ? ? ? ? 6  1,2 
2.03 2.08  100.00 0.294 ? ? 8.40 ? ? ? ? ? ? 7  1,2 
2.08 2.13  100.00 0.303 ? ? 8.90 ? ? ? ? ? ? 8  1,2 
2.13 2.20  100.00 0.245 ? ? 9.00 ? ? ? ? ? ? 9  1,2 
2.20 2.27  100.00 0.225 ? ? 8.70 ? ? ? ? ? ? 10 1,2 
2.27 2.35  100.00 0.220 ? ? 8.90 ? ? ? ? ? ? 11 1,2 
2.35 2.44  100.00 0.177 ? ? 8.90 ? ? ? ? ? ? 12 1,2 
2.44 2.55  100.00 0.174 ? ? 8.60 ? ? ? ? ? ? 13 1,2 
2.55 2.69  100.00 0.154 ? ? 8.90 ? ? ? ? ? ? 14 1,2 
2.69 2.86  100.00 0.131 ? ? 8.60 ? ? ? ? ? ? 15 1,2 
2.86 3.08  100.00 0.124 ? ? 8.60 ? ? ? ? ? ? 16 1,2 
3.08 3.39  100.00 0.097 ? ? 8.50 ? ? ? ? ? ? 17 1,2 
3.39 3.88  100.00 0.072 ? ? 8.10 ? ? ? ? ? ? 18 1,2 
3.88 4.88  100.00 0.065 ? ? 8.30 ? ? ? ? ? ? 19 1,2 
4.88 40.00 100.00 0.068 ? ? 7.50 ? ? ? ? ? ? 20 1,2 
# 
_refine.pdbx_refine_id                           'X-RAY DIFFRACTION' 
_refine.entry_id                                 3IUF 
_refine.ls_number_reflns_obs                     3240 
_refine.ls_number_reflns_all                     ? 
_refine.pdbx_ls_sigma_I                          ? 
_refine.pdbx_ls_sigma_F                          ? 
_refine.pdbx_data_cutoff_high_absF               ? 
_refine.pdbx_data_cutoff_low_absF                ? 
_refine.pdbx_data_cutoff_high_rms_absF           ? 
_refine.ls_d_res_low                             22.72 
_refine.ls_d_res_high                            1.80 
_refine.ls_percent_reflns_obs                    99.5 
_refine.ls_R_factor_obs                          0.195 
_refine.ls_R_factor_all                          ? 
_refine.ls_R_factor_R_work                       0.193 
_refine.ls_R_factor_R_free                       0.237 
_refine.ls_R_factor_R_free_error                 ? 
_refine.ls_R_factor_R_free_error_details         ? 
_refine.ls_percent_reflns_R_free                 4.321 
_refine.ls_number_reflns_R_free                  140 
_refine.ls_number_parameters                     ? 
_refine.ls_number_restraints                     ? 
_refine.occupancy_min                            ? 
_refine.occupancy_max                            ? 
_refine.correlation_coeff_Fo_to_Fc               0.956 
_refine.correlation_coeff_Fo_to_Fc_free          0.906 
_refine.B_iso_mean                               18.71 
_refine.aniso_B[1][1]                            -0.50200 
_refine.aniso_B[2][2]                            0.44200 
_refine.aniso_B[3][3]                            0.06000 
_refine.aniso_B[1][2]                            0.00000 
_refine.aniso_B[1][3]                            0.00000 
_refine.aniso_B[2][3]                            0.00000 
_refine.solvent_model_details                    'MASK BULK SOLVENT' 
_refine.solvent_model_param_ksol                 ? 
_refine.solvent_model_param_bsol                 ? 
_refine.pdbx_solvent_vdw_probe_radii             ? 
_refine.pdbx_solvent_ion_probe_radii             ? 
_refine.pdbx_solvent_shrinkage_radii             ? 
_refine.pdbx_ls_cross_valid_method               ? 
_refine.details                                  'HYDROGENS HAVE BEEN ADDED IN THE RIDING POSITIONS' 
_refine.pdbx_starting_model                      ? 
_refine.pdbx_method_to_determine_struct          MAD 
_refine.pdbx_isotropic_thermal_model             ? 
_refine.pdbx_stereochemistry_target_values       'MAXIMUM LIKELIHOOD' 
_refine.pdbx_stereochem_target_val_spec_case     ? 
_refine.pdbx_R_Free_selection_details            ? 
_refine.pdbx_overall_ESU_R                       ? 
_refine.pdbx_overall_ESU_R_Free                  ? 
_refine.overall_SU_ML                            0.080 
_refine.pdbx_overall_phase_error                 ? 
_refine.overall_SU_B                             2.653 
_refine.ls_redundancy_reflns_obs                 ? 
_refine.B_iso_min                                ? 
_refine.B_iso_max                                ? 
_refine.overall_SU_R_Cruickshank_DPI             ? 
_refine.overall_SU_R_free                        ? 
_refine.ls_wR_factor_R_free                      ? 
_refine.ls_wR_factor_R_work                      ? 
_refine.overall_FOM_free_R_set                   ? 
_refine.overall_FOM_work_R_set                   ? 
_refine.pdbx_diffrn_id                           1,2 
_refine.pdbx_TLS_residual_ADP_flag               ? 
_refine.pdbx_overall_SU_R_free_Cruickshank_DPI   ? 
_refine.pdbx_overall_SU_R_Blow_DPI               ? 
_refine.pdbx_overall_SU_R_free_Blow_DPI          ? 
# 
_refine_hist.pdbx_refine_id                   'X-RAY DIFFRACTION' 
_refine_hist.cycle_id                         LAST 
_refine_hist.pdbx_number_atoms_protein        258 
_refine_hist.pdbx_number_atoms_nucleic_acid   0 
_refine_hist.pdbx_number_atoms_ligand         1 
_refine_hist.number_atoms_solvent             18 
_refine_hist.number_atoms_total               277 
_refine_hist.d_res_high                       1.80 
_refine_hist.d_res_low                        22.72 
# 
loop_
_refine_ls_restr.type 
_refine_ls_restr.dev_ideal 
_refine_ls_restr.dev_ideal_target 
_refine_ls_restr.weight 
_refine_ls_restr.number 
_refine_ls_restr.pdbx_refine_id 
_refine_ls_restr.pdbx_restraint_function 
r_bond_refined_d             0.016  0.021  ? 272 'X-RAY DIFFRACTION' ? 
r_bond_other_d               0.001  0.020  ? 192 'X-RAY DIFFRACTION' ? 
r_angle_refined_deg          1.491  1.931  ? 368 'X-RAY DIFFRACTION' ? 
r_angle_other_deg            0.934  3.000  ? 459 'X-RAY DIFFRACTION' ? 
r_dihedral_angle_1_deg       6.026  5.000  ? 33  'X-RAY DIFFRACTION' ? 
r_dihedral_angle_2_deg       38.555 21.333 ? 15  'X-RAY DIFFRACTION' ? 
r_dihedral_angle_3_deg       15.482 15.000 ? 41  'X-RAY DIFFRACTION' ? 
r_dihedral_angle_4_deg       13.467 15.000 ? 3   'X-RAY DIFFRACTION' ? 
r_chiral_restr               0.094  0.200  ? 34  'X-RAY DIFFRACTION' ? 
r_gen_planes_refined         0.008  0.021  ? 311 'X-RAY DIFFRACTION' ? 
r_gen_planes_other           0.001  0.020  ? 64  'X-RAY DIFFRACTION' ? 
r_nbd_refined                ?      ?      ? ?   'X-RAY DIFFRACTION' ? 
r_nbd_other                  ?      ?      ? ?   'X-RAY DIFFRACTION' ? 
r_nbtor_refined              ?      ?      ? ?   'X-RAY DIFFRACTION' ? 
r_nbtor_other                ?      ?      ? ?   'X-RAY DIFFRACTION' ? 
r_xyhbond_nbd_refined        ?      ?      ? ?   'X-RAY DIFFRACTION' ? 
r_xyhbond_nbd_other          ?      ?      ? ?   'X-RAY DIFFRACTION' ? 
r_metal_ion_refined          ?      ?      ? ?   'X-RAY DIFFRACTION' ? 
r_metal_ion_other            ?      ?      ? ?   'X-RAY DIFFRACTION' ? 
r_symmetry_vdw_refined       ?      ?      ? ?   'X-RAY DIFFRACTION' ? 
r_symmetry_vdw_other         ?      ?      ? ?   'X-RAY DIFFRACTION' ? 
r_symmetry_hbond_refined     ?      ?      ? ?   'X-RAY DIFFRACTION' ? 
r_symmetry_hbond_other       ?      ?      ? ?   'X-RAY DIFFRACTION' ? 
r_symmetry_metal_ion_refined ?      ?      ? ?   'X-RAY DIFFRACTION' ? 
r_symmetry_metal_ion_other   ?      ?      ? ?   'X-RAY DIFFRACTION' ? 
r_mcbond_it                  0.978  1.500  ? 162 'X-RAY DIFFRACTION' ? 
r_mcbond_other               0.195  1.500  ? 64  'X-RAY DIFFRACTION' ? 
r_mcangle_it                 1.764  2.000  ? 256 'X-RAY DIFFRACTION' ? 
r_scbond_it                  2.805  3.000  ? 110 'X-RAY DIFFRACTION' ? 
r_scangle_it                 4.605  4.500  ? 111 'X-RAY DIFFRACTION' ? 
r_rigid_bond_restr           ?      ?      ? ?   'X-RAY DIFFRACTION' ? 
r_sphericity_free            ?      ?      ? ?   'X-RAY DIFFRACTION' ? 
r_sphericity_bonded          ?      ?      ? ?   'X-RAY DIFFRACTION' ? 
# 
_refine_ls_shell.pdbx_refine_id                   'X-RAY DIFFRACTION' 
_refine_ls_shell.pdbx_total_number_of_bins_used   ? 
_refine_ls_shell.d_res_high                       1.80 
_refine_ls_shell.d_res_low                        1.85 
_refine_ls_shell.number_reflns_R_work             213 
_refine_ls_shell.R_factor_R_work                  0.2400 
_refine_ls_shell.percent_reflns_obs               94.09 
_refine_ls_shell.R_factor_R_free                  0.2730 
_refine_ls_shell.R_factor_R_free_error            ? 
_refine_ls_shell.percent_reflns_R_free            ? 
_refine_ls_shell.number_reflns_R_free             10 
_refine_ls_shell.number_reflns_all                ? 
_refine_ls_shell.R_factor_all                     ? 
_refine_ls_shell.redundancy_reflns_obs            ? 
_refine_ls_shell.number_reflns_obs                ? 
# 
_struct.entry_id                  3IUF 
_struct.title                     'Crystal structure of the C2H2-type zinc finger domain of human ubi-d4' 
_struct.pdbx_model_details        ? 
_struct.pdbx_CASP_flag            ? 
_struct.pdbx_model_type_details   ? 
# 
_struct_keywords.entry_id        3IUF 
_struct_keywords.text            
;Structural Genomics Consortium (SGC), zinc finger, C2H2, Apoptosis, Metal-binding, Nucleus, Phosphoprotein, Transcription, Transcription regulation, Zinc-finger, PROTEIN BINDING
;
_struct_keywords.pdbx_keywords   'PROTEIN BINDING' 
# 
loop_
_struct_asym.id 
_struct_asym.pdbx_blank_PDB_chainid_flag 
_struct_asym.pdbx_modified 
_struct_asym.entity_id 
_struct_asym.details 
A N N 1 ? 
B N N 2 ? 
C N N 3 ? 
# 
_struct_ref.id                         1 
_struct_ref.db_name                    UNP 
_struct_ref.db_code                    REQU_HUMAN 
_struct_ref.pdbx_db_accession          Q92785 
_struct_ref.entity_id                  1 
_struct_ref.pdbx_seq_one_letter_code   EDRDKPYACDICGKRYKNRPGLSYHYAHSHLAEEEGEDKEDSQPPTP 
_struct_ref.pdbx_align_begin           203 
_struct_ref.pdbx_db_isoform            ? 
# 
_struct_ref_seq.align_id                      1 
_struct_ref_seq.ref_id                        1 
_struct_ref_seq.pdbx_PDB_id_code              3IUF 
_struct_ref_seq.pdbx_strand_id                A 
_struct_ref_seq.seq_align_beg                 2 
_struct_ref_seq.pdbx_seq_align_beg_ins_code   ? 
_struct_ref_seq.seq_align_end                 48 
_struct_ref_seq.pdbx_seq_align_end_ins_code   ? 
_struct_ref_seq.pdbx_db_accession             Q92785 
_struct_ref_seq.db_align_beg                  203 
_struct_ref_seq.pdbx_db_align_beg_ins_code    ? 
_struct_ref_seq.db_align_end                  249 
_struct_ref_seq.pdbx_db_align_end_ins_code    ? 
_struct_ref_seq.pdbx_auth_seq_align_beg       203 
_struct_ref_seq.pdbx_auth_seq_align_end       249 
# 
_struct_ref_seq_dif.align_id                     1 
_struct_ref_seq_dif.pdbx_pdb_id_code             3IUF 
_struct_ref_seq_dif.mon_id                       GLY 
_struct_ref_seq_dif.pdbx_pdb_strand_id           A 
_struct_ref_seq_dif.seq_num                      1 
_struct_ref_seq_dif.pdbx_pdb_ins_code            ? 
_struct_ref_seq_dif.pdbx_seq_db_name             UNP 
_struct_ref_seq_dif.pdbx_seq_db_accession_code   Q92785 
_struct_ref_seq_dif.db_mon_id                    ? 
_struct_ref_seq_dif.pdbx_seq_db_seq_num          ? 
_struct_ref_seq_dif.details                      'expression tag' 
_struct_ref_seq_dif.pdbx_auth_seq_num            202 
_struct_ref_seq_dif.pdbx_ordinal                 1 
# 
_pdbx_struct_assembly.id                   1 
_pdbx_struct_assembly.details              software_defined_assembly 
_pdbx_struct_assembly.method_details       PISA 
_pdbx_struct_assembly.oligomeric_details   monomeric 
_pdbx_struct_assembly.oligomeric_count     1 
# 
_pdbx_struct_assembly_gen.assembly_id       1 
_pdbx_struct_assembly_gen.oper_expression   1 
_pdbx_struct_assembly_gen.asym_id_list      A,B,C 
# 
_pdbx_struct_oper_list.id                   1 
_pdbx_struct_oper_list.type                 'identity operation' 
_pdbx_struct_oper_list.name                 1_555 
_pdbx_struct_oper_list.symmetry_operation   x,y,z 
_pdbx_struct_oper_list.matrix[1][1]         1.0000000000 
_pdbx_struct_oper_list.matrix[1][2]         0.0000000000 
_pdbx_struct_oper_list.matrix[1][3]         0.0000000000 
_pdbx_struct_oper_list.vector[1]            0.0000000000 
_pdbx_struct_oper_list.matrix[2][1]         0.0000000000 
_pdbx_struct_oper_list.matrix[2][2]         1.0000000000 
_pdbx_struct_oper_list.matrix[2][3]         0.0000000000 
_pdbx_struct_oper_list.vector[2]            0.0000000000 
_pdbx_struct_oper_list.matrix[3][1]         0.0000000000 
_pdbx_struct_oper_list.matrix[3][2]         0.0000000000 
_pdbx_struct_oper_list.matrix[3][3]         1.0000000000 
_pdbx_struct_oper_list.vector[3]            0.0000000000 
# 
_struct_biol.id        1 
_struct_biol.details   ? 
# 
_struct_conf.conf_type_id            HELX_P 
_struct_conf.id                      HELX_P1 
_struct_conf.pdbx_PDB_helix_id       1 
_struct_conf.beg_label_comp_id       ASN 
_struct_conf.beg_label_asym_id       A 
_struct_conf.beg_label_seq_id        19 
_struct_conf.pdbx_beg_PDB_ins_code   ? 
_struct_conf.end_label_comp_id       SER 
_struct_conf.end_label_asym_id       A 
_struct_conf.end_label_seq_id        30 
_struct_conf.pdbx_end_PDB_ins_code   ? 
_struct_conf.beg_auth_comp_id        ASN 
_struct_conf.beg_auth_asym_id        A 
_struct_conf.beg_auth_seq_id         220 
_struct_conf.end_auth_comp_id        SER 
_struct_conf.end_auth_asym_id        A 
_struct_conf.end_auth_seq_id         231 
_struct_conf.pdbx_PDB_helix_class    1 
_struct_conf.details                 ? 
_struct_conf.pdbx_PDB_helix_length   12 
# 
_struct_conf_type.id          HELX_P 
_struct_conf_type.criteria    ? 
_struct_conf_type.reference   ? 
# 
loop_
_struct_conn.id 
_struct_conn.conn_type_id 
_struct_conn.pdbx_leaving_atom_flag 
_struct_conn.pdbx_PDB_id 
_struct_conn.ptnr1_label_asym_id 
_struct_conn.ptnr1_label_comp_id 
_struct_conn.ptnr1_label_seq_id 
_struct_conn.ptnr1_label_atom_id 
_struct_conn.pdbx_ptnr1_label_alt_id 
_struct_conn.pdbx_ptnr1_PDB_ins_code 
_struct_conn.pdbx_ptnr1_standard_comp_id 
_struct_conn.ptnr1_symmetry 
_struct_conn.ptnr2_label_asym_id 
_struct_conn.ptnr2_label_comp_id 
_struct_conn.ptnr2_label_seq_id 
_struct_conn.ptnr2_label_atom_id 
_struct_conn.pdbx_ptnr2_label_alt_id 
_struct_conn.pdbx_ptnr2_PDB_ins_code 
_struct_conn.ptnr1_auth_asym_id 
_struct_conn.ptnr1_auth_comp_id 
_struct_conn.ptnr1_auth_seq_id 
_struct_conn.ptnr2_auth_asym_id 
_struct_conn.ptnr2_auth_comp_id 
_struct_conn.ptnr2_auth_seq_id 
_struct_conn.ptnr2_symmetry 
_struct_conn.pdbx_ptnr3_label_atom_id 
_struct_conn.pdbx_ptnr3_label_seq_id 
_struct_conn.pdbx_ptnr3_label_comp_id 
_struct_conn.pdbx_ptnr3_label_asym_id 
_struct_conn.pdbx_ptnr3_label_alt_id 
_struct_conn.pdbx_ptnr3_PDB_ins_code 
_struct_conn.details 
_struct_conn.pdbx_dist_value 
_struct_conn.pdbx_value_order 
_struct_conn.pdbx_role 
metalc1 metalc ? ? B ZN . ZN ? ? ? 1_555 A CYS 10 SG  ? ? A ZN 1 A CYS 211 1_555 ? ? ? ? ? ? ? 2.306 ? ? 
metalc2 metalc ? ? B ZN . ZN ? ? ? 1_555 A CYS 13 SG  ? ? A ZN 1 A CYS 214 1_555 ? ? ? ? ? ? ? 2.336 ? ? 
metalc3 metalc ? ? B ZN . ZN ? ? ? 1_555 A HIS 26 NE2 ? ? A ZN 1 A HIS 227 1_555 ? ? ? ? ? ? ? 2.029 ? ? 
metalc4 metalc ? ? B ZN . ZN ? ? ? 1_555 A HIS 31 NE2 ? ? A ZN 1 A HIS 232 1_555 ? ? ? ? ? ? ? 2.077 ? ? 
# 
_struct_conn_type.id          metalc 
_struct_conn_type.criteria    ? 
_struct_conn_type.reference   ? 
# 
loop_
_pdbx_struct_conn_angle.id 
_pdbx_struct_conn_angle.ptnr1_label_atom_id 
_pdbx_struct_conn_angle.ptnr1_label_alt_id 
_pdbx_struct_conn_angle.ptnr1_label_asym_id 
_pdbx_struct_conn_angle.ptnr1_label_comp_id 
_pdbx_struct_conn_angle.ptnr1_label_seq_id 
_pdbx_struct_conn_angle.ptnr1_auth_atom_id 
_pdbx_struct_conn_angle.ptnr1_auth_asym_id 
_pdbx_struct_conn_angle.ptnr1_auth_comp_id 
_pdbx_struct_conn_angle.ptnr1_auth_seq_id 
_pdbx_struct_conn_angle.ptnr1_PDB_ins_code 
_pdbx_struct_conn_angle.ptnr1_symmetry 
_pdbx_struct_conn_angle.ptnr2_label_atom_id 
_pdbx_struct_conn_angle.ptnr2_label_alt_id 
_pdbx_struct_conn_angle.ptnr2_label_asym_id 
_pdbx_struct_conn_angle.ptnr2_label_comp_id 
_pdbx_struct_conn_angle.ptnr2_label_seq_id 
_pdbx_struct_conn_angle.ptnr2_auth_atom_id 
_pdbx_struct_conn_angle.ptnr2_auth_asym_id 
_pdbx_struct_conn_angle.ptnr2_auth_comp_id 
_pdbx_struct_conn_angle.ptnr2_auth_seq_id 
_pdbx_struct_conn_angle.ptnr2_PDB_ins_code 
_pdbx_struct_conn_angle.ptnr2_symmetry 
_pdbx_struct_conn_angle.ptnr3_label_atom_id 
_pdbx_struct_conn_angle.ptnr3_label_alt_id 
_pdbx_struct_conn_angle.ptnr3_label_asym_id 
_pdbx_struct_conn_angle.ptnr3_label_comp_id 
_pdbx_struct_conn_angle.ptnr3_label_seq_id 
_pdbx_struct_conn_angle.ptnr3_auth_atom_id 
_pdbx_struct_conn_angle.ptnr3_auth_asym_id 
_pdbx_struct_conn_angle.ptnr3_auth_comp_id 
_pdbx_struct_conn_angle.ptnr3_auth_seq_id 
_pdbx_struct_conn_angle.ptnr3_PDB_ins_code 
_pdbx_struct_conn_angle.ptnr3_symmetry 
_pdbx_struct_conn_angle.value 
_pdbx_struct_conn_angle.value_esd 
1 SG  ? A CYS 10 ? A CYS 211 ? 1_555 ZN ? B ZN . ? A ZN 1 ? 1_555 SG  ? A CYS 13 ? A CYS 214 ? 1_555 114.3 ? 
2 SG  ? A CYS 10 ? A CYS 211 ? 1_555 ZN ? B ZN . ? A ZN 1 ? 1_555 NE2 ? A HIS 26 ? A HIS 227 ? 1_555 104.8 ? 
3 SG  ? A CYS 13 ? A CYS 214 ? 1_555 ZN ? B ZN . ? A ZN 1 ? 1_555 NE2 ? A HIS 26 ? A HIS 227 ? 1_555 106.0 ? 
4 SG  ? A CYS 10 ? A CYS 211 ? 1_555 ZN ? B ZN . ? A ZN 1 ? 1_555 NE2 ? A HIS 31 ? A HIS 232 ? 1_555 110.3 ? 
5 SG  ? A CYS 13 ? A CYS 214 ? 1_555 ZN ? B ZN . ? A ZN 1 ? 1_555 NE2 ? A HIS 31 ? A HIS 232 ? 1_555 109.5 ? 
6 NE2 ? A HIS 26 ? A HIS 227 ? 1_555 ZN ? B ZN . ? A ZN 1 ? 1_555 NE2 ? A HIS 31 ? A HIS 232 ? 1_555 111.8 ? 
# 
_struct_sheet.id               A 
_struct_sheet.type             ? 
_struct_sheet.number_strands   2 
_struct_sheet.details          ? 
# 
_struct_sheet_order.sheet_id     A 
_struct_sheet_order.range_id_1   1 
_struct_sheet_order.range_id_2   2 
_struct_sheet_order.offset       ? 
_struct_sheet_order.sense        anti-parallel 
# 
loop_
_struct_sheet_range.sheet_id 
_struct_sheet_range.id 
_struct_sheet_range.beg_label_comp_id 
_struct_sheet_range.beg_label_asym_id 
_struct_sheet_range.beg_label_seq_id 
_struct_sheet_range.pdbx_beg_PDB_ins_code 
_struct_sheet_range.end_label_comp_id 
_struct_sheet_range.end_label_asym_id 
_struct_sheet_range.end_label_seq_id 
_struct_sheet_range.pdbx_end_PDB_ins_code 
_struct_sheet_range.beg_auth_comp_id 
_struct_sheet_range.beg_auth_asym_id 
_struct_sheet_range.beg_auth_seq_id 
_struct_sheet_range.end_auth_comp_id 
_struct_sheet_range.end_auth_asym_id 
_struct_sheet_range.end_auth_seq_id 
A 1 TYR A 8  ? ALA A 9  ? TYR A 209 ALA A 210 
A 2 ARG A 16 ? TYR A 17 ? ARG A 217 TYR A 218 
# 
_pdbx_struct_sheet_hbond.sheet_id                A 
_pdbx_struct_sheet_hbond.range_id_1              1 
_pdbx_struct_sheet_hbond.range_id_2              2 
_pdbx_struct_sheet_hbond.range_1_label_atom_id   N 
_pdbx_struct_sheet_hbond.range_1_label_comp_id   TYR 
_pdbx_struct_sheet_hbond.range_1_label_asym_id   A 
_pdbx_struct_sheet_hbond.range_1_label_seq_id    8 
_pdbx_struct_sheet_hbond.range_1_PDB_ins_code    ? 
_pdbx_struct_sheet_hbond.range_1_auth_atom_id    N 
_pdbx_struct_sheet_hbond.range_1_auth_comp_id    TYR 
_pdbx_struct_sheet_hbond.range_1_auth_asym_id    A 
_pdbx_struct_sheet_hbond.range_1_auth_seq_id     209 
_pdbx_struct_sheet_hbond.range_2_label_atom_id   O 
_pdbx_struct_sheet_hbond.range_2_label_comp_id   TYR 
_pdbx_struct_sheet_hbond.range_2_label_asym_id   A 
_pdbx_struct_sheet_hbond.range_2_label_seq_id    17 
_pdbx_struct_sheet_hbond.range_2_PDB_ins_code    ? 
_pdbx_struct_sheet_hbond.range_2_auth_atom_id    O 
_pdbx_struct_sheet_hbond.range_2_auth_comp_id    TYR 
_pdbx_struct_sheet_hbond.range_2_auth_asym_id    A 
_pdbx_struct_sheet_hbond.range_2_auth_seq_id     218 
# 
_struct_site.id                   AC1 
_struct_site.pdbx_evidence_code   Software 
_struct_site.pdbx_auth_asym_id    A 
_struct_site.pdbx_auth_comp_id    ZN 
_struct_site.pdbx_auth_seq_id     1 
_struct_site.pdbx_auth_ins_code   ? 
_struct_site.pdbx_num_residues    4 
_struct_site.details              'BINDING SITE FOR RESIDUE ZN A 1' 
# 
loop_
_struct_site_gen.id 
_struct_site_gen.site_id 
_struct_site_gen.pdbx_num_res 
_struct_site_gen.label_comp_id 
_struct_site_gen.label_asym_id 
_struct_site_gen.label_seq_id 
_struct_site_gen.pdbx_auth_ins_code 
_struct_site_gen.auth_comp_id 
_struct_site_gen.auth_asym_id 
_struct_site_gen.auth_seq_id 
_struct_site_gen.label_atom_id 
_struct_site_gen.label_alt_id 
_struct_site_gen.symmetry 
_struct_site_gen.details 
1 AC1 4 CYS A 10 ? CYS A 211 . ? 1_555 ? 
2 AC1 4 CYS A 13 ? CYS A 214 . ? 1_555 ? 
3 AC1 4 HIS A 26 ? HIS A 227 . ? 1_555 ? 
4 AC1 4 HIS A 31 ? HIS A 232 . ? 1_555 ? 
# 
_pdbx_SG_project.id                    1 
_pdbx_SG_project.project_name          ? 
_pdbx_SG_project.full_name_of_center   'Structural Genomics Consortium' 
_pdbx_SG_project.initial_of_center     SGC 
# 
_pdbx_struct_special_symmetry.id              1 
_pdbx_struct_special_symmetry.PDB_model_num   1 
_pdbx_struct_special_symmetry.auth_asym_id    A 
_pdbx_struct_special_symmetry.auth_comp_id    HOH 
_pdbx_struct_special_symmetry.auth_seq_id     13 
_pdbx_struct_special_symmetry.PDB_ins_code    ? 
_pdbx_struct_special_symmetry.label_asym_id   C 
_pdbx_struct_special_symmetry.label_comp_id   HOH 
_pdbx_struct_special_symmetry.label_seq_id    . 
# 
_diffrn_reflns.diffrn_id                   1 
_diffrn_reflns.pdbx_d_res_high             1.900 
_diffrn_reflns.pdbx_d_res_low              40.000 
_diffrn_reflns.pdbx_number_obs             4911 
_diffrn_reflns.pdbx_Rmerge_I_obs           0.102 
_diffrn_reflns.pdbx_Rsym_value             ? 
_diffrn_reflns.pdbx_chi_squared            2.16 
_diffrn_reflns.av_sigmaI_over_netI         7.80 
_diffrn_reflns.pdbx_redundancy             4.60 
_diffrn_reflns.pdbx_percent_possible_obs   99.90 
_diffrn_reflns.number                      22760 
_diffrn_reflns.pdbx_observed_criterion     ? 
_diffrn_reflns.limit_h_max                 ? 
_diffrn_reflns.limit_h_min                 ? 
_diffrn_reflns.limit_k_max                 ? 
_diffrn_reflns.limit_k_min                 ? 
_diffrn_reflns.limit_l_max                 ? 
_diffrn_reflns.limit_l_min                 ? 
# 
loop_
_pdbx_diffrn_reflns_shell.diffrn_id 
_pdbx_diffrn_reflns_shell.d_res_high 
_pdbx_diffrn_reflns_shell.d_res_low 
_pdbx_diffrn_reflns_shell.number_obs 
_pdbx_diffrn_reflns_shell.rejects 
_pdbx_diffrn_reflns_shell.Rmerge_I_obs 
_pdbx_diffrn_reflns_shell.Rsym_value 
_pdbx_diffrn_reflns_shell.chi_squared 
_pdbx_diffrn_reflns_shell.redundancy 
_pdbx_diffrn_reflns_shell.percent_possible_obs 
1 5.15 40.00 ? ? 0.046 ? 1.468 4.90 100.00 
1 4.09 5.15  ? ? 0.052 ? 1.689 4.90 100.00 
1 3.58 4.09  ? ? 0.053 ? 1.813 4.80 100.00 
1 3.25 3.58  ? ? 0.067 ? 1.633 4.90 100.00 
1 3.02 3.25  ? ? 0.080 ? 1.693 4.90 100.00 
1 2.84 3.02  ? ? 0.093 ? 1.315 4.90 100.00 
1 2.70 2.84  ? ? 0.099 ? 1.506 4.80 100.00 
1 2.58 2.70  ? ? 0.121 ? 1.468 4.80 100.00 
1 2.48 2.58  ? ? 0.131 ? 1.386 4.80 99.60  
1 2.39 2.48  ? ? 0.160 ? 1.468 4.70 100.00 
1 2.32 2.39  ? ? 0.161 ? 1.341 4.90 100.00 
1 2.25 2.32  ? ? 0.235 ? 1.617 4.70 100.00 
1 2.19 2.25  ? ? 0.203 ? 1.357 4.50 99.20  
1 2.14 2.19  ? ? 0.256 ? 3.002 4.80 100.00 
1 2.09 2.14  ? ? 0.275 ? 6.010 4.70 100.00 
1 2.05 2.09  ? ? 0.330 ? 1.879 4.40 100.00 
1 2.01 2.05  ? ? 0.324 ? 1.510 4.30 99.60  
1 1.97 2.01  ? ? 0.436 ? 6.547 4.10 100.00 
1 1.93 1.97  ? ? 0.500 ? 3.505 4.10 99.20  
1 1.90 1.93  ? ? 0.550 ? 2.543 3.70 99.60  
# 
_phasing.method   mad 
# 
loop_
_pdbx_unobs_or_zero_occ_residues.id 
_pdbx_unobs_or_zero_occ_residues.PDB_model_num 
_pdbx_unobs_or_zero_occ_residues.polymer_flag 
_pdbx_unobs_or_zero_occ_residues.occupancy_flag 
_pdbx_unobs_or_zero_occ_residues.auth_asym_id 
_pdbx_unobs_or_zero_occ_residues.auth_comp_id 
_pdbx_unobs_or_zero_occ_residues.auth_seq_id 
_pdbx_unobs_or_zero_occ_residues.PDB_ins_code 
_pdbx_unobs_or_zero_occ_residues.label_asym_id 
_pdbx_unobs_or_zero_occ_residues.label_comp_id 
_pdbx_unobs_or_zero_occ_residues.label_seq_id 
1  1 Y 1 A GLY 202 ? A GLY 1  
2  1 Y 1 A GLU 235 ? A GLU 34 
3  1 Y 1 A GLU 236 ? A GLU 35 
4  1 Y 1 A GLU 237 ? A GLU 36 
5  1 Y 1 A GLY 238 ? A GLY 37 
6  1 Y 1 A GLU 239 ? A GLU 38 
7  1 Y 1 A ASP 240 ? A ASP 39 
8  1 Y 1 A LYS 241 ? A LYS 40 
9  1 Y 1 A GLU 242 ? A GLU 41 
10 1 Y 1 A ASP 243 ? A ASP 42 
11 1 Y 1 A SER 244 ? A SER 43 
12 1 Y 1 A GLN 245 ? A GLN 44 
13 1 Y 1 A PRO 246 ? A PRO 45 
14 1 Y 1 A PRO 247 ? A PRO 46 
15 1 Y 1 A THR 248 ? A THR 47 
16 1 Y 1 A PRO 249 ? A PRO 48 
# 
loop_
_chem_comp_atom.comp_id 
_chem_comp_atom.atom_id 
_chem_comp_atom.type_symbol 
_chem_comp_atom.pdbx_aromatic_flag 
_chem_comp_atom.pdbx_stereo_config 
_chem_comp_atom.pdbx_ordinal 
ALA N    N  N N 1   
ALA CA   C  N S 2   
ALA C    C  N N 3   
ALA O    O  N N 4   
ALA CB   C  N N 5   
ALA OXT  O  N N 6   
ALA H    H  N N 7   
ALA H2   H  N N 8   
ALA HA   H  N N 9   
ALA HB1  H  N N 10  
ALA HB2  H  N N 11  
ALA HB3  H  N N 12  
ALA HXT  H  N N 13  
ARG N    N  N N 14  
ARG CA   C  N S 15  
ARG C    C  N N 16  
ARG O    O  N N 17  
ARG CB   C  N N 18  
ARG CG   C  N N 19  
ARG CD   C  N N 20  
ARG NE   N  N N 21  
ARG CZ   C  N N 22  
ARG NH1  N  N N 23  
ARG NH2  N  N N 24  
ARG OXT  O  N N 25  
ARG H    H  N N 26  
ARG H2   H  N N 27  
ARG HA   H  N N 28  
ARG HB2  H  N N 29  
ARG HB3  H  N N 30  
ARG HG2  H  N N 31  
ARG HG3  H  N N 32  
ARG HD2  H  N N 33  
ARG HD3  H  N N 34  
ARG HE   H  N N 35  
ARG HH11 H  N N 36  
ARG HH12 H  N N 37  
ARG HH21 H  N N 38  
ARG HH22 H  N N 39  
ARG HXT  H  N N 40  
ASN N    N  N N 41  
ASN CA   C  N S 42  
ASN C    C  N N 43  
ASN O    O  N N 44  
ASN CB   C  N N 45  
ASN CG   C  N N 46  
ASN OD1  O  N N 47  
ASN ND2  N  N N 48  
ASN OXT  O  N N 49  
ASN H    H  N N 50  
ASN H2   H  N N 51  
ASN HA   H  N N 52  
ASN HB2  H  N N 53  
ASN HB3  H  N N 54  
ASN HD21 H  N N 55  
ASN HD22 H  N N 56  
ASN HXT  H  N N 57  
ASP N    N  N N 58  
ASP CA   C  N S 59  
ASP C    C  N N 60  
ASP O    O  N N 61  
ASP CB   C  N N 62  
ASP CG   C  N N 63  
ASP OD1  O  N N 64  
ASP OD2  O  N N 65  
ASP OXT  O  N N 66  
ASP H    H  N N 67  
ASP H2   H  N N 68  
ASP HA   H  N N 69  
ASP HB2  H  N N 70  
ASP HB3  H  N N 71  
ASP HD2  H  N N 72  
ASP HXT  H  N N 73  
CYS N    N  N N 74  
CYS CA   C  N R 75  
CYS C    C  N N 76  
CYS O    O  N N 77  
CYS CB   C  N N 78  
CYS SG   S  N N 79  
CYS OXT  O  N N 80  
CYS H    H  N N 81  
CYS H2   H  N N 82  
CYS HA   H  N N 83  
CYS HB2  H  N N 84  
CYS HB3  H  N N 85  
CYS HG   H  N N 86  
CYS HXT  H  N N 87  
GLN N    N  N N 88  
GLN CA   C  N S 89  
GLN C    C  N N 90  
GLN O    O  N N 91  
GLN CB   C  N N 92  
GLN CG   C  N N 93  
GLN CD   C  N N 94  
GLN OE1  O  N N 95  
GLN NE2  N  N N 96  
GLN OXT  O  N N 97  
GLN H    H  N N 98  
GLN H2   H  N N 99  
GLN HA   H  N N 100 
GLN HB2  H  N N 101 
GLN HB3  H  N N 102 
GLN HG2  H  N N 103 
GLN HG3  H  N N 104 
GLN HE21 H  N N 105 
GLN HE22 H  N N 106 
GLN HXT  H  N N 107 
GLU N    N  N N 108 
GLU CA   C  N S 109 
GLU C    C  N N 110 
GLU O    O  N N 111 
GLU CB   C  N N 112 
GLU CG   C  N N 113 
GLU CD   C  N N 114 
GLU OE1  O  N N 115 
GLU OE2  O  N N 116 
GLU OXT  O  N N 117 
GLU H    H  N N 118 
GLU H2   H  N N 119 
GLU HA   H  N N 120 
GLU HB2  H  N N 121 
GLU HB3  H  N N 122 
GLU HG2  H  N N 123 
GLU HG3  H  N N 124 
GLU HE2  H  N N 125 
GLU HXT  H  N N 126 
GLY N    N  N N 127 
GLY CA   C  N N 128 
GLY C    C  N N 129 
GLY O    O  N N 130 
GLY OXT  O  N N 131 
GLY H    H  N N 132 
GLY H2   H  N N 133 
GLY HA2  H  N N 134 
GLY HA3  H  N N 135 
GLY HXT  H  N N 136 
HIS N    N  N N 137 
HIS CA   C  N S 138 
HIS C    C  N N 139 
HIS O    O  N N 140 
HIS CB   C  N N 141 
HIS CG   C  Y N 142 
HIS ND1  N  Y N 143 
HIS CD2  C  Y N 144 
HIS CE1  C  Y N 145 
HIS NE2  N  Y N 146 
HIS OXT  O  N N 147 
HIS H    H  N N 148 
HIS H2   H  N N 149 
HIS HA   H  N N 150 
HIS HB2  H  N N 151 
HIS HB3  H  N N 152 
HIS HD1  H  N N 153 
HIS HD2  H  N N 154 
HIS HE1  H  N N 155 
HIS HE2  H  N N 156 
HIS HXT  H  N N 157 
HOH O    O  N N 158 
HOH H1   H  N N 159 
HOH H2   H  N N 160 
ILE N    N  N N 161 
ILE CA   C  N S 162 
ILE C    C  N N 163 
ILE O    O  N N 164 
ILE CB   C  N S 165 
ILE CG1  C  N N 166 
ILE CG2  C  N N 167 
ILE CD1  C  N N 168 
ILE OXT  O  N N 169 
ILE H    H  N N 170 
ILE H2   H  N N 171 
ILE HA   H  N N 172 
ILE HB   H  N N 173 
ILE HG12 H  N N 174 
ILE HG13 H  N N 175 
ILE HG21 H  N N 176 
ILE HG22 H  N N 177 
ILE HG23 H  N N 178 
ILE HD11 H  N N 179 
ILE HD12 H  N N 180 
ILE HD13 H  N N 181 
ILE HXT  H  N N 182 
LEU N    N  N N 183 
LEU CA   C  N S 184 
LEU C    C  N N 185 
LEU O    O  N N 186 
LEU CB   C  N N 187 
LEU CG   C  N N 188 
LEU CD1  C  N N 189 
LEU CD2  C  N N 190 
LEU OXT  O  N N 191 
LEU H    H  N N 192 
LEU H2   H  N N 193 
LEU HA   H  N N 194 
LEU HB2  H  N N 195 
LEU HB3  H  N N 196 
LEU HG   H  N N 197 
LEU HD11 H  N N 198 
LEU HD12 H  N N 199 
LEU HD13 H  N N 200 
LEU HD21 H  N N 201 
LEU HD22 H  N N 202 
LEU HD23 H  N N 203 
LEU HXT  H  N N 204 
LYS N    N  N N 205 
LYS CA   C  N S 206 
LYS C    C  N N 207 
LYS O    O  N N 208 
LYS CB   C  N N 209 
LYS CG   C  N N 210 
LYS CD   C  N N 211 
LYS CE   C  N N 212 
LYS NZ   N  N N 213 
LYS OXT  O  N N 214 
LYS H    H  N N 215 
LYS H2   H  N N 216 
LYS HA   H  N N 217 
LYS HB2  H  N N 218 
LYS HB3  H  N N 219 
LYS HG2  H  N N 220 
LYS HG3  H  N N 221 
LYS HD2  H  N N 222 
LYS HD3  H  N N 223 
LYS HE2  H  N N 224 
LYS HE3  H  N N 225 
LYS HZ1  H  N N 226 
LYS HZ2  H  N N 227 
LYS HZ3  H  N N 228 
LYS HXT  H  N N 229 
PRO N    N  N N 230 
PRO CA   C  N S 231 
PRO C    C  N N 232 
PRO O    O  N N 233 
PRO CB   C  N N 234 
PRO CG   C  N N 235 
PRO CD   C  N N 236 
PRO OXT  O  N N 237 
PRO H    H  N N 238 
PRO HA   H  N N 239 
PRO HB2  H  N N 240 
PRO HB3  H  N N 241 
PRO HG2  H  N N 242 
PRO HG3  H  N N 243 
PRO HD2  H  N N 244 
PRO HD3  H  N N 245 
PRO HXT  H  N N 246 
SER N    N  N N 247 
SER CA   C  N S 248 
SER C    C  N N 249 
SER O    O  N N 250 
SER CB   C  N N 251 
SER OG   O  N N 252 
SER OXT  O  N N 253 
SER H    H  N N 254 
SER H2   H  N N 255 
SER HA   H  N N 256 
SER HB2  H  N N 257 
SER HB3  H  N N 258 
SER HG   H  N N 259 
SER HXT  H  N N 260 
THR N    N  N N 261 
THR CA   C  N S 262 
THR C    C  N N 263 
THR O    O  N N 264 
THR CB   C  N R 265 
THR OG1  O  N N 266 
THR CG2  C  N N 267 
THR OXT  O  N N 268 
THR H    H  N N 269 
THR H2   H  N N 270 
THR HA   H  N N 271 
THR HB   H  N N 272 
THR HG1  H  N N 273 
THR HG21 H  N N 274 
THR HG22 H  N N 275 
THR HG23 H  N N 276 
THR HXT  H  N N 277 
TYR N    N  N N 278 
TYR CA   C  N S 279 
TYR C    C  N N 280 
TYR O    O  N N 281 
TYR CB   C  N N 282 
TYR CG   C  Y N 283 
TYR CD1  C  Y N 284 
TYR CD2  C  Y N 285 
TYR CE1  C  Y N 286 
TYR CE2  C  Y N 287 
TYR CZ   C  Y N 288 
TYR OH   O  N N 289 
TYR OXT  O  N N 290 
TYR H    H  N N 291 
TYR H2   H  N N 292 
TYR HA   H  N N 293 
TYR HB2  H  N N 294 
TYR HB3  H  N N 295 
TYR HD1  H  N N 296 
TYR HD2  H  N N 297 
TYR HE1  H  N N 298 
TYR HE2  H  N N 299 
TYR HH   H  N N 300 
TYR HXT  H  N N 301 
ZN  ZN   ZN N N 302 
# 
loop_
_chem_comp_bond.comp_id 
_chem_comp_bond.atom_id_1 
_chem_comp_bond.atom_id_2 
_chem_comp_bond.value_order 
_chem_comp_bond.pdbx_aromatic_flag 
_chem_comp_bond.pdbx_stereo_config 
_chem_comp_bond.pdbx_ordinal 
ALA N   CA   sing N N 1   
ALA N   H    sing N N 2   
ALA N   H2   sing N N 3   
ALA CA  C    sing N N 4   
ALA CA  CB   sing N N 5   
ALA CA  HA   sing N N 6   
ALA C   O    doub N N 7   
ALA C   OXT  sing N N 8   
ALA CB  HB1  sing N N 9   
ALA CB  HB2  sing N N 10  
ALA CB  HB3  sing N N 11  
ALA OXT HXT  sing N N 12  
ARG N   CA   sing N N 13  
ARG N   H    sing N N 14  
ARG N   H2   sing N N 15  
ARG CA  C    sing N N 16  
ARG CA  CB   sing N N 17  
ARG CA  HA   sing N N 18  
ARG C   O    doub N N 19  
ARG C   OXT  sing N N 20  
ARG CB  CG   sing N N 21  
ARG CB  HB2  sing N N 22  
ARG CB  HB3  sing N N 23  
ARG CG  CD   sing N N 24  
ARG CG  HG2  sing N N 25  
ARG CG  HG3  sing N N 26  
ARG CD  NE   sing N N 27  
ARG CD  HD2  sing N N 28  
ARG CD  HD3  sing N N 29  
ARG NE  CZ   sing N N 30  
ARG NE  HE   sing N N 31  
ARG CZ  NH1  sing N N 32  
ARG CZ  NH2  doub N N 33  
ARG NH1 HH11 sing N N 34  
ARG NH1 HH12 sing N N 35  
ARG NH2 HH21 sing N N 36  
ARG NH2 HH22 sing N N 37  
ARG OXT HXT  sing N N 38  
ASN N   CA   sing N N 39  
ASN N   H    sing N N 40  
ASN N   H2   sing N N 41  
ASN CA  C    sing N N 42  
ASN CA  CB   sing N N 43  
ASN CA  HA   sing N N 44  
ASN C   O    doub N N 45  
ASN C   OXT  sing N N 46  
ASN CB  CG   sing N N 47  
ASN CB  HB2  sing N N 48  
ASN CB  HB3  sing N N 49  
ASN CG  OD1  doub N N 50  
ASN CG  ND2  sing N N 51  
ASN ND2 HD21 sing N N 52  
ASN ND2 HD22 sing N N 53  
ASN OXT HXT  sing N N 54  
ASP N   CA   sing N N 55  
ASP N   H    sing N N 56  
ASP N   H2   sing N N 57  
ASP CA  C    sing N N 58  
ASP CA  CB   sing N N 59  
ASP CA  HA   sing N N 60  
ASP C   O    doub N N 61  
ASP C   OXT  sing N N 62  
ASP CB  CG   sing N N 63  
ASP CB  HB2  sing N N 64  
ASP CB  HB3  sing N N 65  
ASP CG  OD1  doub N N 66  
ASP CG  OD2  sing N N 67  
ASP OD2 HD2  sing N N 68  
ASP OXT HXT  sing N N 69  
CYS N   CA   sing N N 70  
CYS N   H    sing N N 71  
CYS N   H2   sing N N 72  
CYS CA  C    sing N N 73  
CYS CA  CB   sing N N 74  
CYS CA  HA   sing N N 75  
CYS C   O    doub N N 76  
CYS C   OXT  sing N N 77  
CYS CB  SG   sing N N 78  
CYS CB  HB2  sing N N 79  
CYS CB  HB3  sing N N 80  
CYS SG  HG   sing N N 81  
CYS OXT HXT  sing N N 82  
GLN N   CA   sing N N 83  
GLN N   H    sing N N 84  
GLN N   H2   sing N N 85  
GLN CA  C    sing N N 86  
GLN CA  CB   sing N N 87  
GLN CA  HA   sing N N 88  
GLN C   O    doub N N 89  
GLN C   OXT  sing N N 90  
GLN CB  CG   sing N N 91  
GLN CB  HB2  sing N N 92  
GLN CB  HB3  sing N N 93  
GLN CG  CD   sing N N 94  
GLN CG  HG2  sing N N 95  
GLN CG  HG3  sing N N 96  
GLN CD  OE1  doub N N 97  
GLN CD  NE2  sing N N 98  
GLN NE2 HE21 sing N N 99  
GLN NE2 HE22 sing N N 100 
GLN OXT HXT  sing N N 101 
GLU N   CA   sing N N 102 
GLU N   H    sing N N 103 
GLU N   H2   sing N N 104 
GLU CA  C    sing N N 105 
GLU CA  CB   sing N N 106 
GLU CA  HA   sing N N 107 
GLU C   O    doub N N 108 
GLU C   OXT  sing N N 109 
GLU CB  CG   sing N N 110 
GLU CB  HB2  sing N N 111 
GLU CB  HB3  sing N N 112 
GLU CG  CD   sing N N 113 
GLU CG  HG2  sing N N 114 
GLU CG  HG3  sing N N 115 
GLU CD  OE1  doub N N 116 
GLU CD  OE2  sing N N 117 
GLU OE2 HE2  sing N N 118 
GLU OXT HXT  sing N N 119 
GLY N   CA   sing N N 120 
GLY N   H    sing N N 121 
GLY N   H2   sing N N 122 
GLY CA  C    sing N N 123 
GLY CA  HA2  sing N N 124 
GLY CA  HA3  sing N N 125 
GLY C   O    doub N N 126 
GLY C   OXT  sing N N 127 
GLY OXT HXT  sing N N 128 
HIS N   CA   sing N N 129 
HIS N   H    sing N N 130 
HIS N   H2   sing N N 131 
HIS CA  C    sing N N 132 
HIS CA  CB   sing N N 133 
HIS CA  HA   sing N N 134 
HIS C   O    doub N N 135 
HIS C   OXT  sing N N 136 
HIS CB  CG   sing N N 137 
HIS CB  HB2  sing N N 138 
HIS CB  HB3  sing N N 139 
HIS CG  ND1  sing Y N 140 
HIS CG  CD2  doub Y N 141 
HIS ND1 CE1  doub Y N 142 
HIS ND1 HD1  sing N N 143 
HIS CD2 NE2  sing Y N 144 
HIS CD2 HD2  sing N N 145 
HIS CE1 NE2  sing Y N 146 
HIS CE1 HE1  sing N N 147 
HIS NE2 HE2  sing N N 148 
HIS OXT HXT  sing N N 149 
HOH O   H1   sing N N 150 
HOH O   H2   sing N N 151 
ILE N   CA   sing N N 152 
ILE N   H    sing N N 153 
ILE N   H2   sing N N 154 
ILE CA  C    sing N N 155 
ILE CA  CB   sing N N 156 
ILE CA  HA   sing N N 157 
ILE C   O    doub N N 158 
ILE C   OXT  sing N N 159 
ILE CB  CG1  sing N N 160 
ILE CB  CG2  sing N N 161 
ILE CB  HB   sing N N 162 
ILE CG1 CD1  sing N N 163 
ILE CG1 HG12 sing N N 164 
ILE CG1 HG13 sing N N 165 
ILE CG2 HG21 sing N N 166 
ILE CG2 HG22 sing N N 167 
ILE CG2 HG23 sing N N 168 
ILE CD1 HD11 sing N N 169 
ILE CD1 HD12 sing N N 170 
ILE CD1 HD13 sing N N 171 
ILE OXT HXT  sing N N 172 
LEU N   CA   sing N N 173 
LEU N   H    sing N N 174 
LEU N   H2   sing N N 175 
LEU CA  C    sing N N 176 
LEU CA  CB   sing N N 177 
LEU CA  HA   sing N N 178 
LEU C   O    doub N N 179 
LEU C   OXT  sing N N 180 
LEU CB  CG   sing N N 181 
LEU CB  HB2  sing N N 182 
LEU CB  HB3  sing N N 183 
LEU CG  CD1  sing N N 184 
LEU CG  CD2  sing N N 185 
LEU CG  HG   sing N N 186 
LEU CD1 HD11 sing N N 187 
LEU CD1 HD12 sing N N 188 
LEU CD1 HD13 sing N N 189 
LEU CD2 HD21 sing N N 190 
LEU CD2 HD22 sing N N 191 
LEU CD2 HD23 sing N N 192 
LEU OXT HXT  sing N N 193 
LYS N   CA   sing N N 194 
LYS N   H    sing N N 195 
LYS N   H2   sing N N 196 
LYS CA  C    sing N N 197 
LYS CA  CB   sing N N 198 
LYS CA  HA   sing N N 199 
LYS C   O    doub N N 200 
LYS C   OXT  sing N N 201 
LYS CB  CG   sing N N 202 
LYS CB  HB2  sing N N 203 
LYS CB  HB3  sing N N 204 
LYS CG  CD   sing N N 205 
LYS CG  HG2  sing N N 206 
LYS CG  HG3  sing N N 207 
LYS CD  CE   sing N N 208 
LYS CD  HD2  sing N N 209 
LYS CD  HD3  sing N N 210 
LYS CE  NZ   sing N N 211 
LYS CE  HE2  sing N N 212 
LYS CE  HE3  sing N N 213 
LYS NZ  HZ1  sing N N 214 
LYS NZ  HZ2  sing N N 215 
LYS NZ  HZ3  sing N N 216 
LYS OXT HXT  sing N N 217 
PRO N   CA   sing N N 218 
PRO N   CD   sing N N 219 
PRO N   H    sing N N 220 
PRO CA  C    sing N N 221 
PRO CA  CB   sing N N 222 
PRO CA  HA   sing N N 223 
PRO C   O    doub N N 224 
PRO C   OXT  sing N N 225 
PRO CB  CG   sing N N 226 
PRO CB  HB2  sing N N 227 
PRO CB  HB3  sing N N 228 
PRO CG  CD   sing N N 229 
PRO CG  HG2  sing N N 230 
PRO CG  HG3  sing N N 231 
PRO CD  HD2  sing N N 232 
PRO CD  HD3  sing N N 233 
PRO OXT HXT  sing N N 234 
SER N   CA   sing N N 235 
SER N   H    sing N N 236 
SER N   H2   sing N N 237 
SER CA  C    sing N N 238 
SER CA  CB   sing N N 239 
SER CA  HA   sing N N 240 
SER C   O    doub N N 241 
SER C   OXT  sing N N 242 
SER CB  OG   sing N N 243 
SER CB  HB2  sing N N 244 
SER CB  HB3  sing N N 245 
SER OG  HG   sing N N 246 
SER OXT HXT  sing N N 247 
THR N   CA   sing N N 248 
THR N   H    sing N N 249 
THR N   H2   sing N N 250 
THR CA  C    sing N N 251 
THR CA  CB   sing N N 252 
THR CA  HA   sing N N 253 
THR C   O    doub N N 254 
THR C   OXT  sing N N 255 
THR CB  OG1  sing N N 256 
THR CB  CG2  sing N N 257 
THR CB  HB   sing N N 258 
THR OG1 HG1  sing N N 259 
THR CG2 HG21 sing N N 260 
THR CG2 HG22 sing N N 261 
THR CG2 HG23 sing N N 262 
THR OXT HXT  sing N N 263 
TYR N   CA   sing N N 264 
TYR N   H    sing N N 265 
TYR N   H2   sing N N 266 
TYR CA  C    sing N N 267 
TYR CA  CB   sing N N 268 
TYR CA  HA   sing N N 269 
TYR C   O    doub N N 270 
TYR C   OXT  sing N N 271 
TYR CB  CG   sing N N 272 
TYR CB  HB2  sing N N 273 
TYR CB  HB3  sing N N 274 
TYR CG  CD1  doub Y N 275 
TYR CG  CD2  sing Y N 276 
TYR CD1 CE1  sing Y N 277 
TYR CD1 HD1  sing N N 278 
TYR CD2 CE2  doub Y N 279 
TYR CD2 HD2  sing N N 280 
TYR CE1 CZ   doub Y N 281 
TYR CE1 HE1  sing N N 282 
TYR CE2 CZ   sing Y N 283 
TYR CE2 HE2  sing N N 284 
TYR CZ  OH   sing N N 285 
TYR OH  HH   sing N N 286 
TYR OXT HXT  sing N N 287 
# 
_atom_sites.entry_id                    3IUF 
_atom_sites.fract_transf_matrix[1][1]   0.00259545 
_atom_sites.fract_transf_matrix[1][2]   0.01074685 
_atom_sites.fract_transf_matrix[1][3]   0.03892330 
_atom_sites.fract_transf_matrix[2][1]   0.01723353 
_atom_sites.fract_transf_matrix[2][2]   -0.00184689 
_atom_sites.fract_transf_matrix[2][3]   -0.00063922 
_atom_sites.fract_transf_matrix[3][1]   0.00410205 
_atom_sites.fract_transf_matrix[3][2]   0.04242557 
_atom_sites.fract_transf_matrix[3][3]   -0.01198737 
_atom_sites.fract_transf_vector[1]      0.357846 
_atom_sites.fract_transf_vector[2]      -0.162556 
_atom_sites.fract_transf_vector[3]      -0.131381 
# 
loop_
_atom_type.symbol 
C  
N  
O  
S  
ZN 
# 
loop_
_atom_site.group_PDB 
_atom_site.id 
_atom_site.type_symbol 
_atom_site.label_atom_id 
_atom_site.label_alt_id 
_atom_site.label_comp_id 
_atom_site.label_asym_id 
_atom_site.label_entity_id 
_atom_site.label_seq_id 
_atom_site.pdbx_PDB_ins_code 
_atom_site.Cartn_x 
_atom_site.Cartn_y 
_atom_site.Cartn_z 
_atom_site.occupancy 
_atom_site.B_iso_or_equiv 
_atom_site.pdbx_formal_charge 
_atom_site.auth_seq_id 
_atom_site.auth_comp_id 
_atom_site.auth_asym_id 
_atom_site.auth_atom_id 
_atom_site.pdbx_PDB_model_num 
ATOM   1   N  N   . GLU A 1 2  ? 14.404  2.432  -3.445  1.00 43.23 ? 203 GLU A N   1 
ATOM   2   C  CA  . GLU A 1 2  ? 13.346  1.541  -2.871  1.00 42.99 ? 203 GLU A CA  1 
ATOM   3   C  C   . GLU A 1 2  ? 11.978  1.939  -3.378  1.00 42.78 ? 203 GLU A C   1 
ATOM   4   O  O   . GLU A 1 2  ? 11.101  1.107  -3.404  1.00 42.45 ? 203 GLU A O   1 
ATOM   5   C  CB  . GLU A 1 2  ? 13.299  1.588  -1.345  1.00 42.86 ? 203 GLU A CB  1 
ATOM   6   C  CG  . GLU A 1 2  ? 12.814  0.282  -0.714  1.00 42.71 ? 203 GLU A CG  1 
ATOM   7   C  CD  . GLU A 1 2  ? 12.059  0.476  0.617   1.00 41.14 ? 203 GLU A CD  1 
ATOM   8   O  OE1 . GLU A 1 2  ? 11.148  1.353  0.707   1.00 41.76 ? 203 GLU A OE1 1 
ATOM   9   O  OE2 . GLU A 1 2  ? 12.362  -0.296 1.553   1.00 33.21 ? 203 GLU A OE2 1 
ATOM   10  N  N   . ASP A 1 3  ? 11.778  3.216  -3.732  1.00 42.82 ? 204 ASP A N   1 
ATOM   11  C  CA  . ASP A 1 3  ? 10.567  3.635  -4.492  1.00 41.95 ? 204 ASP A CA  1 
ATOM   12  C  C   . ASP A 1 3  ? 10.535  3.008  -5.903  1.00 40.46 ? 204 ASP A C   1 
ATOM   13  O  O   . ASP A 1 3  ? 9.547   3.187  -6.630  1.00 41.00 ? 204 ASP A O   1 
ATOM   14  C  CB  . ASP A 1 3  ? 10.455  5.173  -4.599  1.00 42.45 ? 204 ASP A CB  1 
ATOM   15  N  N   . ARG A 1 4  ? 11.621  2.317  -6.285  1.00 37.79 ? 205 ARG A N   1 
ATOM   16  C  CA  . ARG A 1 4  ? 11.634  1.455  -7.450  1.00 36.68 ? 205 ARG A CA  1 
ATOM   17  C  C   . ARG A 1 4  ? 11.169  0.044  -7.111  1.00 34.39 ? 205 ARG A C   1 
ATOM   18  O  O   . ARG A 1 4  ? 10.378  -0.552 -7.823  1.00 33.94 ? 205 ARG A O   1 
ATOM   19  C  CB  . ARG A 1 4  ? 13.038  1.390  -8.014  1.00 37.29 ? 205 ARG A CB  1 
ATOM   20  C  CG  . ARG A 1 4  ? 13.116  1.040  -9.490  1.00 39.73 ? 205 ARG A CG  1 
ATOM   21  C  CD  . ARG A 1 4  ? 13.191  2.286  -10.374 1.00 44.13 ? 205 ARG A CD  1 
ATOM   22  N  NE  . ARG A 1 4  ? 14.410  3.053  -10.080 1.00 47.82 ? 205 ARG A NE  1 
ATOM   23  C  CZ  . ARG A 1 4  ? 14.590  4.351  -10.336 1.00 49.16 ? 205 ARG A CZ  1 
ATOM   24  N  NH1 . ARG A 1 4  ? 15.742  4.926  -9.989  1.00 50.29 ? 205 ARG A NH1 1 
ATOM   25  N  NH2 . ARG A 1 4  ? 13.640  5.076  -10.925 1.00 48.61 ? 205 ARG A NH2 1 
ATOM   26  N  N   . ASP A 1 5  ? 11.696  -0.472 -6.014  1.00 32.11 ? 206 ASP A N   1 
ATOM   27  C  CA  . ASP A 1 5  ? 11.370  -1.789 -5.493  1.00 31.08 ? 206 ASP A CA  1 
ATOM   28  C  C   . ASP A 1 5  ? 9.980   -1.887 -4.852  1.00 28.14 ? 206 ASP A C   1 
ATOM   29  O  O   . ASP A 1 5  ? 9.354   -2.925 -4.871  1.00 26.62 ? 206 ASP A O   1 
ATOM   30  C  CB  . ASP A 1 5  ? 12.403  -2.120 -4.422  1.00 32.59 ? 206 ASP A CB  1 
ATOM   31  C  CG  . ASP A 1 5  ? 12.520  -3.598 -4.146  1.00 36.64 ? 206 ASP A CG  1 
ATOM   32  O  OD1 . ASP A 1 5  ? 13.325  -4.245 -4.869  1.00 45.31 ? 206 ASP A OD1 1 
ATOM   33  O  OD2 . ASP A 1 5  ? 11.867  -4.099 -3.186  1.00 42.07 ? 206 ASP A OD2 1 
ATOM   34  N  N   . LYS A 1 6  ? 9.544   -0.813 -4.229  1.00 25.46 ? 207 LYS A N   1 
ATOM   35  C  CA  . LYS A 1 6  ? 8.244   -0.755 -3.586  1.00 24.56 ? 207 LYS A CA  1 
ATOM   36  C  C   . LYS A 1 6  ? 7.577   0.543  -4.018  1.00 23.44 ? 207 LYS A C   1 
ATOM   37  O  O   . LYS A 1 6  ? 7.517   1.505  -3.237  1.00 22.97 ? 207 LYS A O   1 
ATOM   38  C  CB  . LYS A 1 6  ? 8.409   -0.768 -2.074  1.00 24.85 ? 207 LYS A CB  1 
ATOM   39  C  CG  . LYS A 1 6  ? 8.991   -2.022 -1.503  1.00 26.59 ? 207 LYS A CG  1 
ATOM   40  C  CD  . LYS A 1 6  ? 8.833   -1.991 -0.024  1.00 30.78 ? 207 LYS A CD  1 
ATOM   41  C  CE  . LYS A 1 6  ? 8.878   -3.337 0.598   1.00 34.33 ? 207 LYS A CE  1 
ATOM   42  N  NZ  . LYS A 1 6  ? 8.187   -3.249 1.929   1.00 36.88 ? 207 LYS A NZ  1 
ATOM   43  N  N   . PRO A 1 7  ? 7.095   0.587  -5.277  1.00 22.21 ? 208 PRO A N   1 
ATOM   44  C  CA  . PRO A 1 7  ? 6.609   1.816  -5.886  1.00 21.54 ? 208 PRO A CA  1 
ATOM   45  C  C   . PRO A 1 7  ? 5.223   2.269  -5.473  1.00 20.62 ? 208 PRO A C   1 
ATOM   46  O  O   . PRO A 1 7  ? 4.861   3.374  -5.796  1.00 20.28 ? 208 PRO A O   1 
ATOM   47  C  CB  . PRO A 1 7  ? 6.598   1.484  -7.377  1.00 21.68 ? 208 PRO A CB  1 
ATOM   48  C  CG  . PRO A 1 7  ? 6.356   0.058  -7.453  1.00 22.15 ? 208 PRO A CG  1 
ATOM   49  C  CD  . PRO A 1 7  ? 6.900   -0.576 -6.166  1.00 22.77 ? 208 PRO A CD  1 
ATOM   50  N  N   . TYR A 1 8  ? 4.457   1.423  -4.792  1.00 19.51 ? 209 TYR A N   1 
ATOM   51  C  CA  . TYR A 1 8  ? 3.096   1.758  -4.360  1.00 19.27 ? 209 TYR A CA  1 
ATOM   52  C  C   . TYR A 1 8  ? 3.004   2.098  -2.892  1.00 18.69 ? 209 TYR A C   1 
ATOM   53  O  O   . TYR A 1 8  ? 3.762   1.595  -2.095  1.00 20.86 ? 209 TYR A O   1 
ATOM   54  C  CB  . TYR A 1 8  ? 2.150   0.599  -4.668  1.00 20.61 ? 209 TYR A CB  1 
ATOM   55  C  CG  . TYR A 1 8  ? 2.243   0.194  -6.137  1.00 20.75 ? 209 TYR A CG  1 
ATOM   56  C  CD1 . TYR A 1 8  ? 1.705   0.989  -7.145  1.00 22.22 ? 209 TYR A CD1 1 
ATOM   57  C  CD2 . TYR A 1 8  ? 2.918   -0.960 -6.503  1.00 23.41 ? 209 TYR A CD2 1 
ATOM   58  C  CE1 . TYR A 1 8  ? 1.828   0.616  -8.494  1.00 22.70 ? 209 TYR A CE1 1 
ATOM   59  C  CE2 . TYR A 1 8  ? 3.047   -1.319 -7.845  1.00 23.91 ? 209 TYR A CE2 1 
ATOM   60  C  CZ  . TYR A 1 8  ? 2.487   -0.529 -8.805  1.00 23.18 ? 209 TYR A CZ  1 
ATOM   61  O  OH  . TYR A 1 8  ? 2.635   -0.942 -10.103 1.00 29.81 ? 209 TYR A OH  1 
ATOM   62  N  N   . ALA A 1 9  ? 2.118   3.003  -2.526  1.00 17.21 ? 210 ALA A N   1 
ATOM   63  C  CA  . ALA A 1 9  ? 2.044   3.429  -1.139  1.00 16.12 ? 210 ALA A CA  1 
ATOM   64  C  C   . ALA A 1 9  ? 0.621   3.802  -0.749  1.00 15.52 ? 210 ALA A C   1 
ATOM   65  O  O   . ALA A 1 9  ? -0.135  4.338  -1.564  1.00 15.64 ? 210 ALA A O   1 
ATOM   66  C  CB  . ALA A 1 9  ? 2.966   4.593  -0.903  1.00 15.84 ? 210 ALA A CB  1 
ATOM   67  N  N   . CYS A 1 10 ? 0.274   3.482  0.487   1.00 15.06 ? 211 CYS A N   1 
ATOM   68  C  CA  . CYS A 1 10 ? -0.967  3.886  1.059   1.00 14.94 ? 211 CYS A CA  1 
ATOM   69  C  C   . CYS A 1 10 ? -0.928  5.390  1.226   1.00 16.09 ? 211 CYS A C   1 
ATOM   70  O  O   . CYS A 1 10 ? 0.032   5.949  1.740   1.00 16.25 ? 211 CYS A O   1 
ATOM   71  C  CB  . CYS A 1 10 ? -1.201  3.244  2.416   1.00 14.94 ? 211 CYS A CB  1 
ATOM   72  S  SG  . CYS A 1 10 ? -2.717  3.790  3.253   1.00 15.51 ? 211 CYS A SG  1 
ATOM   73  N  N   . ASP A 1 11 ? -1.987  6.033  0.770   1.00 16.11 ? 212 ASP A N   1 
ATOM   74  C  CA  . ASP A 1 11 ? -2.102  7.490  0.884   1.00 16.98 ? 212 ASP A CA  1 
ATOM   75  C  C   . ASP A 1 11 ? -2.312  8.038  2.318   1.00 17.14 ? 212 ASP A C   1 
ATOM   76  O  O   . ASP A 1 11 ? -2.079  9.225  2.574   1.00 18.11 ? 212 ASP A O   1 
ATOM   77  C  CB  . ASP A 1 11 ? -3.211  7.976  -0.011  1.00 17.50 ? 212 ASP A CB  1 
ATOM   78  C  CG  . ASP A 1 11 ? -4.504  7.271  0.220   1.00 18.97 ? 212 ASP A CG  1 
ATOM   79  O  OD1 . ASP A 1 11 ? -4.523  6.041  0.092   1.00 22.94 ? 212 ASP A OD1 1 
ATOM   80  O  OD2 . ASP A 1 11 ? -5.515  7.932  0.485   1.00 19.95 ? 212 ASP A OD2 1 
ATOM   81  N  N   . ILE A 1 12 ? -2.759  7.185  3.234   1.00 15.94 ? 213 ILE A N   1 
ATOM   82  C  CA  . ILE A 1 12 ? -3.043  7.600  4.612   1.00 15.92 ? 213 ILE A CA  1 
ATOM   83  C  C   . ILE A 1 12 ? -1.793  7.404  5.449   1.00 16.51 ? 213 ILE A C   1 
ATOM   84  O  O   . ILE A 1 12 ? -1.337  8.337  6.084   1.00 17.70 ? 213 ILE A O   1 
ATOM   85  C  CB  . ILE A 1 12 ? -4.274  6.889  5.208   1.00 15.23 ? 213 ILE A CB  1 
ATOM   86  C  CG1 . ILE A 1 12 ? -5.542  7.354  4.474   1.00 15.72 ? 213 ILE A CG1 1 
ATOM   87  C  CG2 . ILE A 1 12 ? -4.335  7.118  6.764   1.00 14.23 ? 213 ILE A CG2 1 
ATOM   88  C  CD1 . ILE A 1 12 ? -6.801  6.686  4.817   1.00 15.02 ? 213 ILE A CD1 1 
ATOM   89  N  N   . CYS A 1 13 ? -1.204  6.218  5.449   1.00 16.05 ? 214 CYS A N   1 
ATOM   90  C  CA  . CYS A 1 13 ? -0.077  5.932  6.348   1.00 17.15 ? 214 CYS A CA  1 
ATOM   91  C  C   . CYS A 1 13 ? 1.290   5.837  5.676   1.00 17.69 ? 214 CYS A C   1 
ATOM   92  O  O   . CYS A 1 13 ? 2.273   5.620  6.356   1.00 18.87 ? 214 CYS A O   1 
ATOM   93  C  CB  . CYS A 1 13 ? -0.330  4.663  7.122   1.00 16.23 ? 214 CYS A CB  1 
ATOM   94  S  SG  . CYS A 1 13 ? -0.200  3.114  6.152   1.00 16.49 ? 214 CYS A SG  1 
ATOM   95  N  N   . GLY A 1 14 ? 1.347   5.906  4.354   1.00 17.58 ? 215 GLY A N   1 
ATOM   96  C  CA  . GLY A 1 14 ? 2.593   5.810  3.632   1.00 17.48 ? 215 GLY A CA  1 
ATOM   97  C  C   . GLY A 1 14 ? 3.216   4.428  3.486   1.00 17.63 ? 215 GLY A C   1 
ATOM   98  O  O   . GLY A 1 14 ? 4.272   4.321  2.863   1.00 16.83 ? 215 GLY A O   1 
ATOM   99  N  N   . LYS A 1 15 ? 2.575   3.372  4.000   1.00 17.20 ? 216 LYS A N   1 
ATOM   100 C  CA  . LYS A 1 15 ? 3.130   2.022  3.867   1.00 18.11 ? 216 LYS A CA  1 
ATOM   101 C  C   . LYS A 1 15 ? 3.356   1.661  2.418   1.00 18.28 ? 216 LYS A C   1 
ATOM   102 O  O   . LYS A 1 15 ? 2.457   1.806  1.607   1.00 18.12 ? 216 LYS A O   1 
ATOM   103 C  CB  . LYS A 1 15 ? 2.237   0.952  4.464   1.00 18.38 ? 216 LYS A CB  1 
ATOM   104 C  CG  . LYS A 1 15 ? 2.935   -0.379 4.655   1.00 20.31 ? 216 LYS A CG  1 
ATOM   105 C  CD  . LYS A 1 15 ? 2.074   -1.363 5.458   1.00 23.31 ? 216 LYS A CD  1 
ATOM   106 C  CE  . LYS A 1 15 ? 2.635   -2.752 5.388   1.00 28.09 ? 216 LYS A CE  1 
ATOM   107 N  NZ  . LYS A 1 15 ? 4.014   -2.758 5.921   1.00 32.14 ? 216 LYS A NZ  1 
ATOM   108 N  N   . ARG A 1 16 ? 4.549   1.156  2.132   1.00 19.47 ? 217 ARG A N   1 
ATOM   109 C  CA  . ARG A 1 16 ? 4.956   0.826  0.774   1.00 20.31 ? 217 ARG A CA  1 
ATOM   110 C  C   . ARG A 1 16 ? 4.815   -0.656 0.487   1.00 19.61 ? 217 ARG A C   1 
ATOM   111 O  O   . ARG A 1 16 ? 4.939   -1.535 1.420   1.00 19.66 ? 217 ARG A O   1 
ATOM   112 C  CB  . ARG A 1 16 ? 6.349   1.298  0.493   1.00 22.01 ? 217 ARG A CB  1 
ATOM   113 C  CG  . ARG A 1 16 ? 6.496   2.815  0.595   1.00 27.25 ? 217 ARG A CG  1 
ATOM   114 C  CD  . ARG A 1 16 ? 7.906   3.140  0.920   1.00 35.24 ? 217 ARG A CD  1 
ATOM   115 N  NE  . ARG A 1 16 ? 8.663   3.617  -0.234  1.00 42.91 ? 217 ARG A NE  1 
ATOM   116 C  CZ  . ARG A 1 16 ? 8.823   4.906  -0.558  1.00 47.31 ? 217 ARG A CZ  1 
ATOM   117 N  NH1 . ARG A 1 16 ? 9.564   5.235  -1.612  1.00 47.34 ? 217 ARG A NH1 1 
ATOM   118 N  NH2 . ARG A 1 16 ? 8.256   5.877  0.175   1.00 50.50 ? 217 ARG A NH2 1 
ATOM   119 N  N   . TYR A 1 17 ? 4.504   -0.917 -0.788  1.00 18.25 ? 218 TYR A N   1 
ATOM   120 C  CA  . TYR A 1 17 ? 4.150   -2.227 -1.297  1.00 18.47 ? 218 TYR A CA  1 
ATOM   121 C  C   . TYR A 1 17 ? 4.872   -2.440 -2.607  1.00 19.26 ? 218 TYR A C   1 
ATOM   122 O  O   . TYR A 1 17 ? 4.978   -1.513 -3.419  1.00 18.30 ? 218 TYR A O   1 
ATOM   123 C  CB  . TYR A 1 17 ? 2.610   -2.399 -1.452  1.00 19.41 ? 218 TYR A CB  1 
ATOM   124 C  CG  . TYR A 1 17 ? 1.899   -2.666 -0.122  1.00 18.39 ? 218 TYR A CG  1 
ATOM   125 C  CD1 . TYR A 1 17 ? 1.822   -3.966 0.403   1.00 21.09 ? 218 TYR A CD1 1 
ATOM   126 C  CD2 . TYR A 1 17 ? 1.390   -1.634 0.630   1.00 18.71 ? 218 TYR A CD2 1 
ATOM   127 C  CE1 . TYR A 1 17 ? 1.212   -4.229 1.637   1.00 20.28 ? 218 TYR A CE1 1 
ATOM   128 C  CE2 . TYR A 1 17 ? 0.782   -1.882 1.852   1.00 19.66 ? 218 TYR A CE2 1 
ATOM   129 C  CZ  . TYR A 1 17 ? 0.691   -3.187 2.347   1.00 18.52 ? 218 TYR A CZ  1 
ATOM   130 O  OH  . TYR A 1 17 ? 0.111   -3.476 3.543   1.00 20.35 ? 218 TYR A OH  1 
ATOM   131 N  N   . LYS A 1 18 ? 5.374   -3.656 -2.800  1.00 20.16 ? 219 LYS A N   1 
ATOM   132 C  CA  . LYS A 1 18 ? 5.969   -4.014 -4.081  1.00 21.10 ? 219 LYS A CA  1 
ATOM   133 C  C   . LYS A 1 18 ? 4.936   -4.265 -5.182  1.00 20.47 ? 219 LYS A C   1 
ATOM   134 O  O   . LYS A 1 18 ? 5.226   -4.042 -6.338  1.00 23.00 ? 219 LYS A O   1 
ATOM   135 C  CB  . LYS A 1 18 ? 6.901   -5.206 -3.944  1.00 22.00 ? 219 LYS A CB  1 
ATOM   136 C  CG  . LYS A 1 18 ? 6.298   -6.423 -3.374  1.00 25.05 ? 219 LYS A CG  1 
ATOM   137 N  N   . ASN A 1 19 ? 3.743   -4.721 -4.836  1.00 19.81 ? 220 ASN A N   1 
ATOM   138 C  CA  A ASN A 1 19 ? 2.735   -5.171 -5.812  0.50 19.82 ? 220 ASN A CA  1 
ATOM   139 C  CA  B ASN A 1 19 ? 2.764   -4.994 -5.878  0.50 19.65 ? 220 ASN A CA  1 
ATOM   140 C  C   . ASN A 1 19 ? 1.375   -4.523 -5.532  1.00 19.22 ? 220 ASN A C   1 
ATOM   141 O  O   . ASN A 1 19 ? 1.028   -4.284 -4.371  1.00 19.08 ? 220 ASN A O   1 
ATOM   142 C  CB  A ASN A 1 19 ? 2.554   -6.704 -5.756  0.50 20.27 ? 220 ASN A CB  1 
ATOM   143 C  CB  B ASN A 1 19 ? 2.797   -6.464 -6.291  0.50 19.77 ? 220 ASN A CB  1 
ATOM   144 C  CG  A ASN A 1 19 ? 3.873   -7.499 -5.673  0.50 21.54 ? 220 ASN A CG  1 
ATOM   145 C  CG  B ASN A 1 19 ? 2.484   -7.408 -5.153  0.50 20.72 ? 220 ASN A CG  1 
ATOM   146 O  OD1 A ASN A 1 19 ? 4.254   -7.962 -4.596  0.50 25.12 ? 220 ASN A OD1 1 
ATOM   147 O  OD1 B ASN A 1 19 ? 1.725   -7.088 -4.250  0.50 21.86 ? 220 ASN A OD1 1 
ATOM   148 N  ND2 A ASN A 1 19 ? 4.522   -7.718 -6.807  0.50 21.48 ? 220 ASN A ND2 1 
ATOM   149 N  ND2 B ASN A 1 19 ? 3.050   -8.601 -5.218  0.50 23.59 ? 220 ASN A ND2 1 
ATOM   150 N  N   . ARG A 1 20 ? 0.576   -4.329 -6.563  1.00 17.29 ? 221 ARG A N   1 
ATOM   151 C  CA  . ARG A 1 20 ? -0.696  -3.726 -6.387  1.00 15.93 ? 221 ARG A CA  1 
ATOM   152 C  C   . ARG A 1 20 ? -1.666  -4.550 -5.537  1.00 15.06 ? 221 ARG A C   1 
ATOM   153 O  O   . ARG A 1 20 ? -2.420  -3.980 -4.767  1.00 13.28 ? 221 ARG A O   1 
ATOM   154 C  CB  . ARG A 1 20 ? -1.334  -3.370 -7.756  1.00 15.68 ? 221 ARG A CB  1 
ATOM   155 C  CG  . ARG A 1 20 ? -0.506  -2.470 -8.621  1.00 15.77 ? 221 ARG A CG  1 
ATOM   156 C  CD  . ARG A 1 20 ? -1.130  -2.254 -9.980  1.00 15.87 ? 221 ARG A CD  1 
ATOM   157 N  NE  . ARG A 1 20 ? -2.352  -1.499 -9.917  1.00 16.75 ? 221 ARG A NE  1 
ATOM   158 C  CZ  . ARG A 1 20 ? -2.437  -0.175 -9.884  1.00 16.51 ? 221 ARG A CZ  1 
ATOM   159 N  NH1 . ARG A 1 20 ? -1.335  0.560  -9.870  1.00 18.96 ? 221 ARG A NH1 1 
ATOM   160 N  NH2 . ARG A 1 20 ? -3.627  0.402  -9.865  1.00 17.77 ? 221 ARG A NH2 1 
ATOM   161 N  N   . PRO A 1 21 ? -1.678  -5.893 -5.674  1.00 15.82 ? 222 PRO A N   1 
ATOM   162 C  CA  . PRO A 1 21 ? -2.666  -6.635 -4.853  1.00 16.32 ? 222 PRO A CA  1 
ATOM   163 C  C   . PRO A 1 21 ? -2.429  -6.532 -3.314  1.00 15.60 ? 222 PRO A C   1 
ATOM   164 O  O   . PRO A 1 21 ? -3.377  -6.548 -2.541  1.00 16.32 ? 222 PRO A O   1 
ATOM   165 C  CB  . PRO A 1 21 ? -2.534  -8.085 -5.378  1.00 16.80 ? 222 PRO A CB  1 
ATOM   166 C  CG  . PRO A 1 21 ? -2.047  -7.925 -6.770  1.00 16.90 ? 222 PRO A CG  1 
ATOM   167 C  CD  . PRO A 1 21 ? -1.071  -6.763 -6.698  1.00 16.98 ? 222 PRO A CD  1 
ATOM   168 N  N   . GLY A 1 22 ? -1.169  -6.378 -2.924  1.00 16.18 ? 223 GLY A N   1 
ATOM   169 C  CA  . GLY A 1 22 ? -0.759  -6.126 -1.516  1.00 16.33 ? 223 GLY A CA  1 
ATOM   170 C  C   . GLY A 1 22 ? -1.345  -4.824 -1.022  1.00 15.50 ? 223 GLY A C   1 
ATOM   171 O  O   . GLY A 1 22 ? -1.981  -4.779 0.000   1.00 15.35 ? 223 GLY A O   1 
ATOM   172 N  N   . LEU A 1 23 ? -1.142  -3.750 -1.771  1.00 15.76 ? 224 LEU A N   1 
ATOM   173 C  CA  . LEU A 1 23 ? -1.766  -2.477 -1.410  1.00 15.79 ? 224 LEU A CA  1 
ATOM   174 C  C   . LEU A 1 23 ? -3.296  -2.542 -1.471  1.00 15.74 ? 224 LEU A C   1 
ATOM   175 O  O   . LEU A 1 23 ? -3.968  -1.979 -0.629  1.00 15.83 ? 224 LEU A O   1 
ATOM   176 C  CB  . LEU A 1 23 ? -1.233  -1.301 -2.274  1.00 16.20 ? 224 LEU A CB  1 
ATOM   177 C  CG  . LEU A 1 23 ? -1.785  0.098  -1.937  1.00 14.43 ? 224 LEU A CG  1 
ATOM   178 C  CD1 . LEU A 1 23 ? -1.559  0.493  -0.449  1.00 15.17 ? 224 LEU A CD1 1 
ATOM   179 C  CD2 . LEU A 1 23 ? -1.140  1.172  -2.841  1.00 14.63 ? 224 LEU A CD2 1 
ATOM   180 N  N   . SER A 1 24 ? -3.853  -3.243 -2.464  1.00 15.72 ? 225 SER A N   1 
ATOM   181 C  CA  . SER A 1 24 ? -5.285  -3.363 -2.595  1.00 15.95 ? 225 SER A CA  1 
ATOM   182 C  C   . SER A 1 24 ? -5.891  -3.867 -1.270  1.00 16.53 ? 225 SER A C   1 
ATOM   183 O  O   . SER A 1 24 ? -6.887  -3.314 -0.785  1.00 16.26 ? 225 SER A O   1 
ATOM   184 C  CB  . SER A 1 24 ? -5.663  -4.307 -3.737  1.00 16.53 ? 225 SER A CB  1 
ATOM   185 O  OG  . SER A 1 24 ? -7.063  -4.287 -3.887  1.00 20.32 ? 225 SER A OG  1 
ATOM   186 N  N   . TYR A 1 25 ? -5.289  -4.922 -0.715  1.00 16.12 ? 226 TYR A N   1 
ATOM   187 C  CA  . TYR A 1 25 ? -5.763  -5.550 0.518   1.00 16.67 ? 226 TYR A CA  1 
ATOM   188 C  C   . TYR A 1 25 ? -5.659  -4.530 1.685   1.00 16.48 ? 226 TYR A C   1 
ATOM   189 O  O   . TYR A 1 25 ? -6.596  -4.354 2.455   1.00 16.20 ? 226 TYR A O   1 
ATOM   190 C  CB  . TYR A 1 25 ? -4.921  -6.787 0.794   1.00 16.69 ? 226 TYR A CB  1 
ATOM   191 C  CG  . TYR A 1 25 ? -5.362  -7.554 2.024   1.00 21.70 ? 226 TYR A CG  1 
ATOM   192 C  CD1 . TYR A 1 25 ? -6.454  -8.406 1.971   1.00 24.81 ? 226 TYR A CD1 1 
ATOM   193 C  CD2 . TYR A 1 25 ? -4.743  -7.382 3.234   1.00 23.95 ? 226 TYR A CD2 1 
ATOM   194 C  CE1 . TYR A 1 25 ? -6.885  -9.067 3.074   1.00 26.24 ? 226 TYR A CE1 1 
ATOM   195 C  CE2 . TYR A 1 25 ? -5.190  -8.049 4.332   1.00 26.06 ? 226 TYR A CE2 1 
ATOM   196 C  CZ  . TYR A 1 25 ? -6.258  -8.885 4.234   1.00 26.80 ? 226 TYR A CZ  1 
ATOM   197 O  OH  . TYR A 1 25 ? -6.710  -9.608 5.336   1.00 34.83 ? 226 TYR A OH  1 
ATOM   198 N  N   . HIS A 1 26 ? -4.524  -3.856 1.796   1.00 16.82 ? 227 HIS A N   1 
ATOM   199 C  CA  . HIS A 1 26 ? -4.322  -2.835 2.861   1.00 16.80 ? 227 HIS A CA  1 
ATOM   200 C  C   . HIS A 1 26 ? -5.361  -1.747 2.711   1.00 16.10 ? 227 HIS A C   1 
ATOM   201 O  O   . HIS A 1 26 ? -6.006  -1.368 3.661   1.00 15.85 ? 227 HIS A O   1 
ATOM   202 C  CB  . HIS A 1 26 ? -2.915  -2.261 2.755   1.00 16.78 ? 227 HIS A CB  1 
ATOM   203 C  CG  . HIS A 1 26 ? -2.618  -1.156 3.710   1.00 17.01 ? 227 HIS A CG  1 
ATOM   204 N  ND1 . HIS A 1 26 ? -1.926  -1.365 4.893   1.00 19.39 ? 227 HIS A ND1 1 
ATOM   205 C  CD2 . HIS A 1 26 ? -2.888  0.169  3.658   1.00 14.53 ? 227 HIS A CD2 1 
ATOM   206 C  CE1 . HIS A 1 26 ? -1.786  -0.207 5.521   1.00 17.33 ? 227 HIS A CE1 1 
ATOM   207 N  NE2 . HIS A 1 26 ? -2.370  0.737  4.798   1.00 15.45 ? 227 HIS A NE2 1 
ATOM   208 N  N   . TYR A 1 27 ? -5.545  -1.270 1.485   1.00 16.12 ? 228 TYR A N   1 
ATOM   209 C  CA  . TYR A 1 27 ? -6.471  -0.183 1.208   1.00 15.45 ? 228 TYR A CA  1 
ATOM   210 C  C   . TYR A 1 27 ? -7.887  -0.560 1.586   1.00 15.58 ? 228 TYR A C   1 
ATOM   211 O  O   . TYR A 1 27 ? -8.600  0.266  2.134   1.00 15.30 ? 228 TYR A O   1 
ATOM   212 C  CB  . TYR A 1 27 ? -6.362  0.191  -0.277  1.00 16.09 ? 228 TYR A CB  1 
ATOM   213 C  CG  . TYR A 1 27 ? -6.968  1.491  -0.661  1.00 15.41 ? 228 TYR A CG  1 
ATOM   214 C  CD1 . TYR A 1 27 ? -6.197  2.598  -0.889  1.00 17.06 ? 228 TYR A CD1 1 
ATOM   215 C  CD2 . TYR A 1 27 ? -8.333  1.593  -0.835  1.00 17.67 ? 228 TYR A CD2 1 
ATOM   216 C  CE1 . TYR A 1 27 ? -6.777  3.798  -1.272  1.00 17.87 ? 228 TYR A CE1 1 
ATOM   217 C  CE2 . TYR A 1 27 ? -8.917  2.779  -1.198  1.00 20.34 ? 228 TYR A CE2 1 
ATOM   218 C  CZ  . TYR A 1 27 ? -8.121  3.882  -1.420  1.00 19.87 ? 228 TYR A CZ  1 
ATOM   219 O  OH  . TYR A 1 27 ? -8.755  5.065  -1.793  1.00 24.37 ? 228 TYR A OH  1 
ATOM   220 N  N   . ALA A 1 28 ? -8.288  -1.804 1.285   1.00 15.97 ? 229 ALA A N   1 
ATOM   221 C  CA  . ALA A 1 28 ? -9.632  -2.307 1.554   1.00 15.76 ? 229 ALA A CA  1 
ATOM   222 C  C   . ALA A 1 28 ? -9.969  -2.342 3.055   1.00 15.70 ? 229 ALA A C   1 
ATOM   223 O  O   . ALA A 1 28 ? -11.100 -2.095 3.451   1.00 16.48 ? 229 ALA A O   1 
ATOM   224 C  CB  . ALA A 1 28 ? -9.817  -3.677 0.954   1.00 15.58 ? 229 ALA A CB  1 
ATOM   225 N  N   . HIS A 1 29 ? -8.985  -2.617 3.879   1.00 15.53 ? 230 HIS A N   1 
ATOM   226 C  CA  . HIS A 1 29 ? -9.264  -2.981 5.261   1.00 16.55 ? 230 HIS A CA  1 
ATOM   227 C  C   . HIS A 1 29 ? -8.602  -2.096 6.329   1.00 17.09 ? 230 HIS A C   1 
ATOM   228 O  O   . HIS A 1 29 ? -8.917  -2.248 7.502   1.00 18.24 ? 230 HIS A O   1 
ATOM   229 C  CB  . HIS A 1 29 ? -8.842  -4.424 5.491   1.00 16.95 ? 230 HIS A CB  1 
ATOM   230 C  CG  . HIS A 1 29 ? -9.494  -5.394 4.562   1.00 17.17 ? 230 HIS A CG  1 
ATOM   231 N  ND1 . HIS A 1 29 ? -10.849 -5.601 4.547   1.00 18.53 ? 230 HIS A ND1 1 
ATOM   232 C  CD2 . HIS A 1 29 ? -8.981  -6.192 3.603   1.00 20.08 ? 230 HIS A CD2 1 
ATOM   233 C  CE1 . HIS A 1 29 ? -11.147 -6.487 3.619   1.00 17.00 ? 230 HIS A CE1 1 
ATOM   234 N  NE2 . HIS A 1 29 ? -10.034 -6.866 3.037   1.00 18.93 ? 230 HIS A NE2 1 
ATOM   235 N  N   . SER A 1 30 ? -7.714  -1.181 5.955   1.00 17.38 ? 231 SER A N   1 
ATOM   236 C  CA  . SER A 1 30 ? -7.003  -0.355 6.943   1.00 17.11 ? 231 SER A CA  1 
ATOM   237 C  C   . SER A 1 30 ? -7.654  1.004  7.176   1.00 16.56 ? 231 SER A C   1 
ATOM   238 O  O   . SER A 1 30 ? -8.343  1.530  6.313   1.00 14.60 ? 231 SER A O   1 
ATOM   239 C  CB  . SER A 1 30 ? -5.567  -0.150 6.533   1.00 17.80 ? 231 SER A CB  1 
ATOM   240 O  OG  . SER A 1 30 ? -4.936  -1.405 6.409   1.00 18.61 ? 231 SER A OG  1 
ATOM   241 N  N   . HIS A 1 31 ? -7.454  1.542  8.367   1.00 16.04 ? 232 HIS A N   1 
ATOM   242 C  CA  . HIS A 1 31 ? -7.852  2.927  8.667   1.00 16.34 ? 232 HIS A CA  1 
ATOM   243 C  C   . HIS A 1 31 ? -9.337  3.162  8.709   1.00 17.45 ? 232 HIS A C   1 
ATOM   244 O  O   . HIS A 1 31 ? -9.784  4.296  8.508   1.00 16.59 ? 232 HIS A O   1 
ATOM   245 C  CB  . HIS A 1 31 ? -7.213  3.924  7.661   1.00 15.86 ? 232 HIS A CB  1 
ATOM   246 C  CG  . HIS A 1 31 ? -5.764  3.675  7.431   1.00 15.00 ? 232 HIS A CG  1 
ATOM   247 N  ND1 . HIS A 1 31 ? -4.834  3.664  8.449   1.00 15.72 ? 232 HIS A ND1 1 
ATOM   248 C  CD2 . HIS A 1 31 ? -5.093  3.381  6.302   1.00 12.28 ? 232 HIS A CD2 1 
ATOM   249 C  CE1 . HIS A 1 31 ? -3.645  3.390  7.948   1.00 16.53 ? 232 HIS A CE1 1 
ATOM   250 N  NE2 . HIS A 1 31 ? -3.771  3.223  6.647   1.00 14.30 ? 232 HIS A NE2 1 
ATOM   251 N  N   . LEU A 1 32 ? -10.097 2.111  9.006   1.00 18.58 ? 233 LEU A N   1 
ATOM   252 C  CA  . LEU A 1 32 ? -11.555 2.167  9.050   1.00 19.94 ? 233 LEU A CA  1 
ATOM   253 C  C   . LEU A 1 32 ? -12.096 2.317  10.500  1.00 22.04 ? 233 LEU A C   1 
ATOM   254 O  O   . LEU A 1 32 ? -11.498 1.824  11.459  1.00 21.98 ? 233 LEU A O   1 
ATOM   255 C  CB  . LEU A 1 32 ? -12.174 0.919  8.401   1.00 19.73 ? 233 LEU A CB  1 
ATOM   256 C  CG  . LEU A 1 32 ? -11.685 0.593  6.991   1.00 20.55 ? 233 LEU A CG  1 
ATOM   257 C  CD1 . LEU A 1 32 ? -12.328 -0.728 6.481   1.00 19.68 ? 233 LEU A CD1 1 
ATOM   258 C  CD2 . LEU A 1 32 ? -11.938 1.763  6.088   1.00 20.95 ? 233 LEU A CD2 1 
ATOM   259 N  N   . ALA A 1 33 ? -13.209 3.017  10.607  1.00 24.68 ? 234 ALA A N   1 
ATOM   260 C  CA  . ALA A 1 33 ? -13.983 3.196  11.867  1.00 26.74 ? 234 ALA A CA  1 
ATOM   261 C  C   . ALA A 1 33 ? -14.584 1.882  12.420  1.00 28.07 ? 234 ALA A C   1 
ATOM   262 O  O   . ALA A 1 33 ? -14.922 0.949  11.647  1.00 31.28 ? 234 ALA A O   1 
ATOM   263 C  CB  . ALA A 1 33 ? -15.103 4.258  11.645  1.00 26.42 ? 234 ALA A CB  1 
HETATM 264 ZN ZN  . ZN  B 2 .  ? -2.319  2.714  5.253   1.00 16.05 ? 1   ZN  A ZN  1 
HETATM 265 O  O   . HOH C 3 .  ? -9.455  -0.684 9.680   1.00 18.04 ? 2   HOH A O   1 
HETATM 266 O  O   . HOH C 3 .  ? -7.505  2.241  3.741   1.00 16.23 ? 3   HOH A O   1 
HETATM 267 O  O   . HOH C 3 .  ? -12.855 -4.655 6.840   1.00 32.22 ? 4   HOH A O   1 
HETATM 268 O  O   . HOH C 3 .  ? 5.281   -4.053 1.956   1.00 25.09 ? 5   HOH A O   1 
HETATM 269 O  O   . HOH C 3 .  ? 5.283   -5.604 -0.553  1.00 29.33 ? 6   HOH A O   1 
HETATM 270 O  O   . HOH C 3 .  ? -1.469  -6.655 1.974   1.00 29.34 ? 7   HOH A O   1 
HETATM 271 O  O   . HOH C 3 .  ? -8.924  2.741  12.483  1.00 28.97 ? 8   HOH A O   1 
HETATM 272 O  O   . HOH C 3 .  ? -5.555  0.190  10.503  1.00 37.52 ? 9   HOH A O   1 
HETATM 273 O  O   . HOH C 3 .  ? 1.701   -5.240 -9.134  1.00 23.07 ? 10  HOH A O   1 
HETATM 274 O  O   . HOH C 3 .  ? 3.998   -3.588 -10.394 1.00 30.25 ? 11  HOH A O   1 
HETATM 275 O  O   . HOH C 3 .  ? 6.511   5.206  -7.028  1.00 32.22 ? 12  HOH A O   1 
HETATM 276 O  O   . HOH C 3 .  ? 9.102   0.338  -9.895  0.50 27.70 ? 13  HOH A O   1 
HETATM 277 O  O   . HOH C 3 .  ? 3.329   -6.122 -1.976  1.00 33.85 ? 14  HOH A O   1 
HETATM 278 O  O   . HOH C 3 .  ? -5.321  -9.184 -2.879  1.00 48.18 ? 15  HOH A O   1 
HETATM 279 O  O   . HOH C 3 .  ? 17.256  1.904  -8.911  1.00 29.16 ? 16  HOH A O   1 
HETATM 280 O  O   . HOH C 3 .  ? 1.565   7.980  0.131   1.00 38.49 ? 17  HOH A O   1 
HETATM 281 O  O   . HOH C 3 .  ? -9.265  -2.019 -2.139  1.00 30.87 ? 18  HOH A O   1 
HETATM 282 O  O   . HOH C 3 .  ? -3.012  4.602  -2.094  1.00 23.14 ? 250 HOH A O   1 
# 
